data_2GHA
#
_entry.id   2GHA
#
_cell.length_a   34.728
_cell.length_b   55.510
_cell.length_c   93.556
_cell.angle_alpha   96.89
_cell.angle_beta   93.08
_cell.angle_gamma   102.05
#
_symmetry.space_group_name_H-M   'P 1'
#
loop_
_entity.id
_entity.type
_entity.pdbx_description
1 polymer 'maltose ABC transporter, periplasmic maltose-binding protein'
2 branched alpha-D-glucopyranose-(1-4)-alpha-D-glucopyranose-(1-4)-alpha-D-glucopyranose
3 water water
#
_entity_poly.entity_id   1
_entity_poly.type   'polypeptide(L)'
_entity_poly.pdbx_seq_one_letter_code
;MQPKLTIWCSEKQVDILQKLGEEFKAKYGVEVEVQYVNFQDIKSKFLTAAPEGQGADIIVGAHDWVGELAVNGLIEPIPN
FSDLKNFYETALNAFSYGGKLYGIPYAMEAIALIYNKDYVPEPPKTMDELIEIAKQIDEEFGGEVRGFITSAAEFYYIAP
FIFGYGGYVFKQTEKGLDVNDIGLANEGAIKGVKLLKRLVDEGILDPSDNYQIMDSMFREGQAAMIINGPWAIKAYKDAG
IDYGVAPIPDLEPGVPARPFVGVQGFMVNAKSPNKLLAIEFLTSFIAKKETMYRIYLGDPRLPSRKDVLELVKDNPDVVG
FTLSAANGIPMPNVPQMAAVWAAMNDALNLVVNGKATVEEALKNAVERIKAQIQGSHHHHHH
;
_entity_poly.pdbx_strand_id   A,B
#
# COMPACT_ATOMS: atom_id res chain seq x y z
N MET A 1 4.44 -18.60 26.43
CA MET A 1 5.15 -17.27 26.49
C MET A 1 5.42 -16.76 25.08
N GLN A 2 4.94 -15.56 24.74
CA GLN A 2 5.04 -15.06 23.38
C GLN A 2 6.50 -14.75 23.09
N PRO A 3 6.98 -15.20 21.92
CA PRO A 3 8.33 -14.89 21.48
C PRO A 3 8.33 -13.51 20.85
N LYS A 4 9.54 -13.01 20.57
CA LYS A 4 9.71 -11.67 20.03
C LYS A 4 10.74 -11.67 18.92
N LEU A 5 10.48 -10.91 17.86
CA LEU A 5 11.47 -10.62 16.83
C LEU A 5 11.75 -9.13 16.87
N THR A 6 13.03 -8.80 16.97
CA THR A 6 13.48 -7.40 16.94
C THR A 6 14.19 -7.18 15.62
N ILE A 7 13.88 -6.07 14.96
CA ILE A 7 14.45 -5.66 13.69
C ILE A 7 15.17 -4.33 13.84
N TRP A 8 16.37 -4.24 13.29
CA TRP A 8 17.08 -2.96 13.16
C TRP A 8 17.01 -2.50 11.71
N CYS A 9 16.66 -1.24 11.53
CA CYS A 9 16.63 -0.66 10.20
C CYS A 9 16.82 0.85 10.29
N SER A 10 17.13 1.43 9.15
CA SER A 10 17.24 2.88 9.05
C SER A 10 15.88 3.55 9.23
N GLU A 11 15.85 4.86 9.31
CA GLU A 11 14.59 5.59 9.45
C GLU A 11 13.58 5.32 8.31
N LYS A 12 14.06 4.95 7.12
CA LYS A 12 13.24 4.90 5.92
C LYS A 12 12.22 3.73 6.01
N GLN A 13 12.60 2.66 6.70
CA GLN A 13 11.77 1.44 6.72
C GLN A 13 10.91 1.28 7.97
N VAL A 14 11.14 2.12 8.97
CA VAL A 14 10.49 1.94 10.28
C VAL A 14 8.96 1.86 10.19
N ASP A 15 8.32 2.83 9.55
CA ASP A 15 6.85 2.91 9.63
C ASP A 15 6.23 1.68 9.03
N ILE A 16 6.68 1.31 7.84
CA ILE A 16 6.08 0.16 7.15
C ILE A 16 6.36 -1.11 7.92
N LEU A 17 7.60 -1.29 8.38
CA LEU A 17 7.92 -2.53 9.11
C LEU A 17 7.17 -2.62 10.42
N GLN A 18 7.00 -1.48 11.09
CA GLN A 18 6.19 -1.39 12.31
C GLN A 18 4.77 -1.89 12.05
N LYS A 19 4.17 -1.44 10.95
CA LYS A 19 2.79 -1.81 10.63
C LYS A 19 2.70 -3.31 10.31
N LEU A 20 3.61 -3.79 9.49
CA LEU A 20 3.64 -5.21 9.14
C LEU A 20 3.85 -6.07 10.39
N GLY A 21 4.73 -5.61 11.27
CA GLY A 21 4.94 -6.30 12.55
C GLY A 21 3.72 -6.39 13.42
N GLU A 22 2.95 -5.31 13.46
CA GLU A 22 1.69 -5.29 14.19
C GLU A 22 0.71 -6.32 13.61
N GLU A 23 0.69 -6.44 12.30
CA GLU A 23 -0.20 -7.40 11.62
C GLU A 23 0.25 -8.83 11.92
N PHE A 24 1.54 -9.08 11.89
CA PHE A 24 2.09 -10.39 12.20
C PHE A 24 1.74 -10.79 13.63
N LYS A 25 1.87 -9.84 14.56
CA LYS A 25 1.55 -10.06 15.96
C LYS A 25 0.06 -10.36 16.15
N ALA A 26 -0.82 -9.58 15.53
CA ALA A 26 -2.26 -9.86 15.63
C ALA A 26 -2.58 -11.28 15.20
N LYS A 27 -1.97 -11.74 14.11
CA LYS A 27 -2.29 -13.04 13.53
C LYS A 27 -1.71 -14.18 14.34
N TYR A 28 -0.44 -14.03 14.72
CA TYR A 28 0.37 -15.13 15.23
C TYR A 28 0.75 -15.07 16.71
N GLY A 29 0.62 -13.90 17.33
CA GLY A 29 0.98 -13.69 18.73
C GLY A 29 2.48 -13.51 18.95
N VAL A 30 3.22 -13.36 17.86
CA VAL A 30 4.64 -13.07 17.89
C VAL A 30 4.85 -11.56 18.03
N GLU A 31 5.51 -11.12 19.10
CA GLU A 31 5.81 -9.70 19.25
C GLU A 31 6.82 -9.29 18.16
N VAL A 32 6.58 -8.17 17.47
CA VAL A 32 7.58 -7.65 16.53
C VAL A 32 7.92 -6.21 16.87
N GLU A 33 9.20 -5.97 17.07
CA GLU A 33 9.71 -4.68 17.49
C GLU A 33 10.66 -4.13 16.46
N VAL A 34 10.32 -2.96 15.95
CA VAL A 34 11.14 -2.30 14.96
C VAL A 34 11.92 -1.15 15.60
N GLN A 35 13.25 -1.29 15.60
CA GLN A 35 14.14 -0.33 16.20
C GLN A 35 14.95 0.45 15.15
N TYR A 36 14.74 1.76 15.11
CA TYR A 36 15.57 2.66 14.30
C TYR A 36 17.01 2.59 14.76
N VAL A 37 17.90 2.39 13.80
CA VAL A 37 19.33 2.57 14.00
C VAL A 37 19.84 3.31 12.76
N ASN A 38 20.63 4.36 12.97
CA ASN A 38 21.16 5.10 11.82
C ASN A 38 21.86 4.11 10.90
N PHE A 39 21.58 4.22 9.62
CA PHE A 39 22.12 3.26 8.63
C PHE A 39 23.63 3.07 8.76
N GLN A 40 24.35 4.16 8.95
CA GLN A 40 25.81 4.15 9.05
C GLN A 40 26.33 3.43 10.30
N ASP A 41 25.45 3.12 11.23
CA ASP A 41 25.82 2.44 12.48
C ASP A 41 25.34 0.99 12.54
N ILE A 42 24.48 0.58 11.62
CA ILE A 42 23.89 -0.76 11.77
C ILE A 42 24.92 -1.89 11.80
N LYS A 43 25.83 -1.91 10.83
CA LYS A 43 26.71 -3.07 10.70
C LYS A 43 27.69 -3.09 11.88
N SER A 44 28.23 -1.94 12.26
CA SER A 44 29.17 -1.93 13.40
C SER A 44 28.47 -2.28 14.72
N LYS A 45 27.25 -1.79 14.92
CA LYS A 45 26.47 -2.16 16.09
C LYS A 45 26.23 -3.65 16.14
N PHE A 46 25.98 -4.22 14.97
CA PHE A 46 25.71 -5.64 14.86
C PHE A 46 26.96 -6.50 15.09
N LEU A 47 28.08 -6.10 14.48
CA LEU A 47 29.37 -6.76 14.73
C LEU A 47 29.69 -6.81 16.21
N THR A 48 29.36 -5.74 16.91
CA THR A 48 29.62 -5.69 18.35
C THR A 48 28.62 -6.49 19.18
N ALA A 49 27.35 -6.30 18.90
CA ALA A 49 26.26 -6.85 19.73
C ALA A 49 25.94 -8.31 19.48
N ALA A 50 26.01 -8.72 18.22
CA ALA A 50 25.57 -10.07 17.91
C ALA A 50 26.34 -11.14 18.70
N PRO A 51 27.69 -11.06 18.75
CA PRO A 51 28.43 -12.03 19.59
C PRO A 51 28.11 -11.98 21.08
N GLU A 52 27.61 -10.86 21.56
CA GLU A 52 27.22 -10.69 22.97
C GLU A 52 25.78 -11.07 23.27
N GLY A 53 25.09 -11.62 22.28
CA GLY A 53 23.70 -11.98 22.46
C GLY A 53 22.71 -10.81 22.51
N GLN A 54 23.14 -9.61 22.08
CA GLN A 54 22.30 -8.41 22.12
C GLN A 54 21.98 -7.87 20.72
N GLY A 55 22.28 -8.65 19.69
CA GLY A 55 21.97 -8.25 18.34
C GLY A 55 20.50 -8.47 17.99
N ALA A 56 19.99 -7.67 17.06
CA ALA A 56 18.62 -7.84 16.59
C ALA A 56 18.48 -9.18 15.95
N ASP A 57 17.25 -9.71 15.90
CA ASP A 57 17.05 -10.99 15.22
C ASP A 57 17.16 -10.82 13.71
N ILE A 58 16.77 -9.64 13.23
CA ILE A 58 16.81 -9.30 11.79
C ILE A 58 17.40 -7.92 11.63
N ILE A 59 18.27 -7.74 10.64
CA ILE A 59 18.76 -6.41 10.30
C ILE A 59 18.44 -6.13 8.85
N VAL A 60 18.22 -4.85 8.53
CA VAL A 60 17.90 -4.44 7.18
C VAL A 60 19.06 -3.59 6.68
N GLY A 61 19.59 -3.90 5.49
CA GLY A 61 20.60 -3.07 4.93
C GLY A 61 21.13 -3.51 3.60
N ALA A 62 22.34 -3.05 3.28
CA ALA A 62 22.92 -3.18 1.94
C ALA A 62 23.71 -4.46 1.72
N HIS A 63 23.72 -4.94 0.49
CA HIS A 63 24.29 -6.24 0.19
C HIS A 63 25.80 -6.29 0.33
N ASP A 64 26.48 -5.14 0.31
CA ASP A 64 27.95 -5.16 0.43
C ASP A 64 28.39 -5.73 1.77
N TRP A 65 27.50 -5.73 2.77
CA TRP A 65 27.82 -6.26 4.08
C TRP A 65 27.98 -7.77 4.13
N VAL A 66 27.47 -8.46 3.12
CA VAL A 66 27.23 -9.90 3.28
C VAL A 66 28.51 -10.69 3.51
N GLY A 67 29.57 -10.47 2.73
CA GLY A 67 30.82 -11.23 2.93
C GLY A 67 31.41 -11.09 4.32
N GLU A 68 31.52 -9.86 4.78
CA GLU A 68 32.04 -9.58 6.12
C GLU A 68 31.22 -10.30 7.18
N LEU A 69 29.91 -10.15 7.10
CA LEU A 69 29.04 -10.77 8.11
C LEU A 69 28.99 -12.30 7.98
N ALA A 70 29.04 -12.82 6.77
CA ALA A 70 29.00 -14.28 6.56
C ALA A 70 30.31 -14.94 7.05
N VAL A 71 31.47 -14.34 6.74
CA VAL A 71 32.74 -15.00 7.14
C VAL A 71 32.95 -14.93 8.66
N ASN A 72 32.37 -13.92 9.28
CA ASN A 72 32.41 -13.74 10.74
C ASN A 72 31.34 -14.60 11.46
N GLY A 73 30.54 -15.30 10.69
CA GLY A 73 29.53 -16.23 11.19
C GLY A 73 28.31 -15.59 11.86
N LEU A 74 28.00 -14.34 11.52
CA LEU A 74 26.97 -13.57 12.20
C LEU A 74 25.61 -13.52 11.53
N ILE A 75 25.53 -13.86 10.24
CA ILE A 75 24.23 -13.94 9.53
C ILE A 75 23.97 -15.36 9.05
N GLU A 76 22.69 -15.75 9.12
CA GLU A 76 22.25 -17.10 8.91
C GLU A 76 21.94 -17.35 7.43
N PRO A 77 22.40 -18.49 6.89
CA PRO A 77 21.95 -18.83 5.55
C PRO A 77 20.43 -19.02 5.46
N ILE A 78 19.85 -18.60 4.34
CA ILE A 78 18.41 -18.67 4.13
C ILE A 78 18.15 -19.90 3.28
N PRO A 79 17.52 -20.91 3.86
CA PRO A 79 17.15 -22.04 3.01
C PRO A 79 16.16 -21.72 1.91
N ASN A 80 16.07 -22.58 0.92
CA ASN A 80 15.13 -22.35 -0.16
C ASN A 80 13.69 -22.24 0.38
N PHE A 81 12.89 -21.41 -0.27
CA PHE A 81 11.50 -21.16 0.15
C PHE A 81 10.65 -20.95 -1.11
N SER A 82 9.34 -21.07 -0.97
CA SER A 82 8.44 -21.09 -2.12
C SER A 82 8.53 -19.84 -2.98
N ASP A 83 8.72 -18.69 -2.36
CA ASP A 83 8.77 -17.45 -3.12
C ASP A 83 10.16 -17.12 -3.73
N LEU A 84 11.16 -17.97 -3.52
CA LEU A 84 12.51 -17.68 -4.03
C LEU A 84 12.49 -17.34 -5.53
N LYS A 85 11.75 -18.13 -6.29
CA LYS A 85 11.67 -17.97 -7.73
C LYS A 85 11.20 -16.58 -8.15
N ASN A 86 10.46 -15.90 -7.26
CA ASN A 86 9.84 -14.62 -7.60
C ASN A 86 10.76 -13.40 -7.52
N PHE A 87 11.99 -13.61 -7.05
CA PHE A 87 12.97 -12.54 -6.94
C PHE A 87 14.00 -12.61 -8.06
N TYR A 88 14.41 -11.45 -8.56
CA TYR A 88 15.46 -11.40 -9.57
C TYR A 88 16.73 -12.09 -9.07
N GLU A 89 17.34 -12.92 -9.92
CA GLU A 89 18.53 -13.66 -9.51
C GLU A 89 19.67 -12.70 -9.23
N THR A 90 19.74 -11.61 -9.97
CA THR A 90 20.74 -10.56 -9.69
C THR A 90 20.69 -10.06 -8.24
N ALA A 91 19.49 -9.82 -7.73
CA ALA A 91 19.28 -9.34 -6.36
C ALA A 91 19.62 -10.46 -5.37
N LEU A 92 19.20 -11.69 -5.66
CA LEU A 92 19.53 -12.82 -4.78
C LEU A 92 21.04 -13.04 -4.72
N ASN A 93 21.69 -13.00 -5.89
CA ASN A 93 23.13 -13.20 -5.97
C ASN A 93 23.93 -12.13 -5.24
N ALA A 94 23.43 -10.88 -5.27
CA ALA A 94 24.01 -9.80 -4.47
C ALA A 94 24.02 -10.16 -2.98
N PHE A 95 22.99 -10.90 -2.54
CA PHE A 95 22.88 -11.33 -1.15
C PHE A 95 23.41 -12.75 -0.91
N SER A 96 24.22 -13.26 -1.85
CA SER A 96 24.79 -14.60 -1.73
C SER A 96 26.28 -14.55 -1.63
N TYR A 97 26.84 -15.44 -0.84
CA TYR A 97 28.29 -15.46 -0.65
C TYR A 97 28.71 -16.89 -0.34
N GLY A 98 29.82 -17.33 -0.92
CA GLY A 98 30.31 -18.67 -0.67
C GLY A 98 29.28 -19.77 -0.93
N GLY A 99 28.42 -19.57 -1.93
CA GLY A 99 27.43 -20.57 -2.37
C GLY A 99 26.10 -20.59 -1.63
N LYS A 100 25.94 -19.69 -0.65
CA LYS A 100 24.72 -19.65 0.15
C LYS A 100 24.04 -18.30 0.04
N LEU A 101 22.72 -18.32 0.18
CA LEU A 101 21.93 -17.10 0.24
C LEU A 101 21.91 -16.59 1.66
N TYR A 102 22.12 -15.29 1.83
CA TYR A 102 22.18 -14.67 3.17
C TYR A 102 21.19 -13.53 3.41
N GLY A 103 20.28 -13.28 2.48
CA GLY A 103 19.27 -12.28 2.69
C GLY A 103 18.16 -12.34 1.70
N ILE A 104 17.07 -11.69 2.06
CA ILE A 104 15.93 -11.53 1.18
C ILE A 104 15.93 -10.09 0.71
N PRO A 105 16.19 -9.88 -0.58
CA PRO A 105 16.27 -8.52 -1.10
C PRO A 105 14.87 -7.92 -1.27
N TYR A 106 14.68 -6.64 -0.97
CA TYR A 106 13.42 -5.97 -1.28
C TYR A 106 13.54 -4.94 -2.41
N ALA A 107 14.75 -4.47 -2.69
CA ALA A 107 14.93 -3.42 -3.70
C ALA A 107 16.38 -3.31 -4.12
N MET A 108 16.58 -2.83 -5.34
CA MET A 108 17.86 -2.29 -5.74
C MET A 108 17.78 -0.77 -5.90
N GLU A 109 18.94 -0.17 -6.16
CA GLU A 109 19.06 1.29 -6.11
C GLU A 109 20.37 1.73 -6.72
N ALA A 110 20.37 2.98 -7.14
CA ALA A 110 21.60 3.70 -7.48
C ALA A 110 21.30 5.17 -7.32
N ILE A 111 22.33 5.96 -7.04
CA ILE A 111 22.15 7.39 -6.93
C ILE A 111 22.01 7.95 -8.35
N ALA A 112 21.44 9.14 -8.42
CA ALA A 112 21.08 9.77 -9.68
C ALA A 112 20.99 11.26 -9.40
N LEU A 113 20.77 12.03 -10.46
CA LEU A 113 20.48 13.44 -10.32
C LEU A 113 19.03 13.62 -9.91
N ILE A 114 18.81 14.27 -8.78
CA ILE A 114 17.48 14.64 -8.35
C ILE A 114 17.46 16.15 -8.43
N TYR A 115 16.44 16.69 -9.10
CA TYR A 115 16.43 18.13 -9.37
C TYR A 115 15.06 18.72 -9.05
N ASN A 116 15.07 19.96 -8.58
CA ASN A 116 13.87 20.69 -8.21
C ASN A 116 13.46 21.47 -9.44
N LYS A 117 12.31 21.10 -9.99
CA LYS A 117 11.82 21.66 -11.25
C LYS A 117 11.48 23.15 -11.12
N ASP A 118 11.27 23.66 -9.90
CA ASP A 118 11.08 25.10 -9.72
C ASP A 118 12.32 25.87 -10.14
N TYR A 119 13.49 25.30 -9.89
CA TYR A 119 14.74 25.99 -10.23
C TYR A 119 15.34 25.53 -11.54
N VAL A 120 15.12 24.26 -11.89
CA VAL A 120 15.70 23.62 -13.06
C VAL A 120 14.60 22.83 -13.75
N PRO A 121 13.76 23.53 -14.54
CA PRO A 121 12.69 22.86 -15.25
C PRO A 121 13.09 21.63 -16.06
N GLU A 122 14.26 21.68 -16.69
CA GLU A 122 14.80 20.57 -17.48
C GLU A 122 16.24 20.24 -17.09
N PRO A 123 16.53 18.97 -16.81
CA PRO A 123 17.83 18.67 -16.19
C PRO A 123 18.99 18.78 -17.17
N PRO A 124 20.20 19.09 -16.67
CA PRO A 124 21.40 19.14 -17.51
C PRO A 124 21.81 17.78 -18.09
N LYS A 125 22.29 17.77 -19.34
CA LYS A 125 22.71 16.54 -20.01
C LYS A 125 24.20 16.22 -19.83
N THR A 126 25.00 17.22 -19.50
CA THR A 126 26.44 17.02 -19.25
C THR A 126 26.84 17.71 -17.97
N MET A 127 27.98 17.31 -17.42
CA MET A 127 28.50 17.96 -16.20
C MET A 127 28.84 19.42 -16.47
N ASP A 128 29.30 19.74 -17.69
CA ASP A 128 29.59 21.14 -18.00
C ASP A 128 28.34 22.00 -17.91
N GLU A 129 27.22 21.46 -18.40
CA GLU A 129 25.94 22.15 -18.33
C GLU A 129 25.49 22.28 -16.86
N LEU A 130 25.67 21.21 -16.09
CA LEU A 130 25.27 21.24 -14.70
C LEU A 130 26.04 22.35 -13.99
N ILE A 131 27.35 22.45 -14.28
CA ILE A 131 28.20 23.43 -13.62
C ILE A 131 27.70 24.84 -13.94
N GLU A 132 27.41 25.11 -15.21
CA GLU A 132 26.92 26.43 -15.59
C GLU A 132 25.60 26.78 -14.90
N ILE A 133 24.69 25.82 -14.85
CA ILE A 133 23.37 26.01 -14.23
C ILE A 133 23.51 26.26 -12.73
N ALA A 134 24.34 25.46 -12.06
CA ALA A 134 24.56 25.65 -10.64
C ALA A 134 25.14 27.03 -10.34
N LYS A 135 26.12 27.46 -11.13
CA LYS A 135 26.71 28.78 -10.91
C LYS A 135 25.65 29.86 -11.08
N GLN A 136 24.77 29.70 -12.06
CA GLN A 136 23.71 30.69 -12.30
C GLN A 136 22.79 30.81 -11.09
N ILE A 137 22.40 29.65 -10.58
CA ILE A 137 21.51 29.57 -9.42
CA ILE A 137 21.49 29.61 -9.45
C ILE A 137 22.19 30.20 -8.22
N ASP A 138 23.44 29.85 -8.01
CA ASP A 138 24.18 30.34 -6.86
C ASP A 138 24.27 31.88 -6.89
N GLU A 139 24.42 32.45 -8.07
CA GLU A 139 24.50 33.91 -8.23
C GLU A 139 23.13 34.56 -8.06
N GLU A 140 22.14 34.01 -8.74
CA GLU A 140 20.81 34.62 -8.84
C GLU A 140 20.07 34.64 -7.53
N PHE A 141 20.18 33.57 -6.74
CA PHE A 141 19.50 33.52 -5.45
C PHE A 141 20.40 34.00 -4.31
N GLY A 142 21.57 34.50 -4.69
CA GLY A 142 22.47 35.21 -3.79
C GLY A 142 22.72 34.52 -2.47
N GLY A 143 22.73 33.19 -2.48
CA GLY A 143 23.12 32.41 -1.30
C GLY A 143 22.01 31.61 -0.65
N GLU A 144 20.75 31.98 -0.92
CA GLU A 144 19.61 31.31 -0.28
C GLU A 144 19.26 29.94 -0.91
N VAL A 145 19.75 29.70 -2.13
CA VAL A 145 19.53 28.43 -2.82
C VAL A 145 20.86 27.90 -3.34
N ARG A 146 21.18 26.65 -3.04
CA ARG A 146 22.37 26.01 -3.61
C ARG A 146 22.08 25.45 -5.00
N GLY A 147 22.95 25.75 -5.96
CA GLY A 147 22.87 25.20 -7.29
C GLY A 147 23.01 23.69 -7.36
N PHE A 148 24.00 23.17 -6.63
CA PHE A 148 24.32 21.74 -6.66
C PHE A 148 24.89 21.31 -5.30
N ILE A 149 24.44 20.17 -4.80
CA ILE A 149 25.03 19.58 -3.61
C ILE A 149 25.10 18.07 -3.76
N THR A 150 26.22 17.49 -3.37
CA THR A 150 26.26 16.08 -2.98
C THR A 150 27.22 15.91 -1.79
N SER A 151 27.36 14.68 -1.29
CA SER A 151 28.27 14.43 -0.19
C SER A 151 29.71 14.41 -0.74
N ALA A 152 30.36 15.57 -0.74
CA ALA A 152 31.61 15.81 -1.48
C ALA A 152 32.79 14.93 -1.11
N ALA A 153 32.86 14.48 0.14
CA ALA A 153 34.02 13.74 0.63
C ALA A 153 33.70 12.29 0.94
N GLU A 154 32.59 11.79 0.41
CA GLU A 154 32.13 10.43 0.71
C GLU A 154 32.24 9.61 -0.58
N PHE A 155 33.13 8.63 -0.57
CA PHE A 155 33.41 7.80 -1.75
C PHE A 155 32.18 7.24 -2.47
N TYR A 156 31.23 6.73 -1.71
CA TYR A 156 29.98 6.20 -2.29
C TYR A 156 29.34 7.19 -3.30
N TYR A 157 29.33 8.49 -2.97
CA TYR A 157 28.71 9.54 -3.80
C TYR A 157 29.60 10.07 -4.93
N ILE A 158 30.90 9.89 -4.80
CA ILE A 158 31.86 10.33 -5.83
C ILE A 158 32.22 9.17 -6.78
N ALA A 159 31.87 7.95 -6.37
CA ALA A 159 32.13 6.78 -7.20
C ALA A 159 31.67 6.91 -8.66
N PRO A 160 30.50 7.53 -8.91
CA PRO A 160 30.06 7.61 -10.33
C PRO A 160 31.06 8.30 -11.24
N PHE A 161 31.79 9.29 -10.70
CA PHE A 161 32.88 9.97 -11.43
C PHE A 161 34.11 9.08 -11.61
N ILE A 162 34.51 8.42 -10.51
CA ILE A 162 35.64 7.53 -10.49
C ILE A 162 35.45 6.38 -11.48
N PHE A 163 34.32 5.72 -11.37
CA PHE A 163 34.02 4.59 -12.25
C PHE A 163 33.75 5.04 -13.69
N GLY A 164 33.18 6.23 -13.85
CA GLY A 164 32.86 6.75 -15.19
C GLY A 164 34.12 6.84 -16.05
N TYR A 165 35.21 7.21 -15.44
CA TYR A 165 36.48 7.44 -16.16
C TYR A 165 37.36 6.19 -16.18
N GLY A 166 36.91 5.09 -15.57
CA GLY A 166 37.63 3.81 -15.60
C GLY A 166 38.34 3.37 -14.32
N GLY A 167 38.11 4.08 -13.23
CA GLY A 167 38.53 3.55 -11.95
C GLY A 167 37.73 2.28 -11.62
N TYR A 168 38.24 1.51 -10.67
CA TYR A 168 37.54 0.32 -10.19
C TYR A 168 38.02 0.01 -8.79
N VAL A 169 37.21 -0.71 -8.03
CA VAL A 169 37.57 -1.08 -6.67
C VAL A 169 38.54 -2.27 -6.76
N PHE A 170 37.99 -3.45 -7.02
CA PHE A 170 38.74 -4.69 -7.26
C PHE A 170 38.51 -5.11 -8.70
N LYS A 171 39.59 -5.45 -9.40
CA LYS A 171 39.49 -5.77 -10.82
C LYS A 171 38.56 -6.93 -11.06
N GLN A 172 37.61 -6.74 -11.98
CA GLN A 172 36.71 -7.79 -12.36
C GLN A 172 37.42 -8.65 -13.39
N THR A 173 37.59 -9.93 -13.07
CA THR A 173 38.19 -10.90 -13.97
C THR A 173 37.21 -12.04 -14.19
N GLU A 174 37.49 -12.87 -15.20
CA GLU A 174 36.68 -14.06 -15.47
C GLU A 174 36.73 -15.12 -14.36
N LYS A 175 37.66 -14.96 -13.41
CA LYS A 175 37.78 -15.85 -12.26
C LYS A 175 37.27 -15.20 -10.96
N GLY A 176 36.64 -14.03 -11.10
CA GLY A 176 36.06 -13.28 -10.00
C GLY A 176 36.82 -11.99 -9.73
N LEU A 177 36.44 -11.31 -8.64
CA LEU A 177 37.13 -10.08 -8.24
C LEU A 177 38.51 -10.36 -7.68
N ASP A 178 39.50 -9.64 -8.21
CA ASP A 178 40.87 -9.73 -7.75
C ASP A 178 41.13 -8.66 -6.70
N VAL A 179 41.09 -9.04 -5.43
CA VAL A 179 41.23 -8.06 -4.34
C VAL A 179 42.67 -7.54 -4.20
N ASN A 180 43.60 -8.17 -4.90
CA ASN A 180 44.97 -7.69 -4.96
CA ASN A 180 44.99 -7.70 -4.97
C ASN A 180 45.20 -6.67 -6.07
N ASP A 181 44.17 -6.45 -6.89
CA ASP A 181 44.25 -5.53 -8.02
C ASP A 181 43.23 -4.42 -7.79
N ILE A 182 43.70 -3.35 -7.17
CA ILE A 182 42.85 -2.23 -6.78
C ILE A 182 43.03 -1.08 -7.74
N GLY A 183 41.92 -0.53 -8.24
CA GLY A 183 41.94 0.50 -9.31
C GLY A 183 41.52 1.91 -8.89
N LEU A 184 41.63 2.21 -7.60
CA LEU A 184 41.12 3.47 -7.08
C LEU A 184 42.14 4.61 -7.10
N ALA A 185 43.31 4.33 -7.67
CA ALA A 185 44.32 5.36 -7.91
C ALA A 185 44.88 5.26 -9.31
N ASN A 186 44.14 4.60 -10.21
CA ASN A 186 44.55 4.53 -11.61
C ASN A 186 44.20 5.85 -12.31
N GLU A 187 44.55 5.96 -13.59
CA GLU A 187 44.39 7.24 -14.31
C GLU A 187 42.93 7.72 -14.36
N GLY A 188 42.00 6.78 -14.52
CA GLY A 188 40.57 7.07 -14.50
C GLY A 188 40.10 7.56 -13.14
N ALA A 189 40.54 6.90 -12.08
CA ALA A 189 40.15 7.33 -10.73
C ALA A 189 40.66 8.75 -10.44
N ILE A 190 41.88 9.03 -10.88
CA ILE A 190 42.45 10.36 -10.72
C ILE A 190 41.62 11.39 -11.48
N LYS A 191 41.22 11.08 -12.70
CA LYS A 191 40.45 12.01 -13.51
C LYS A 191 39.08 12.26 -12.89
N GLY A 192 38.50 11.22 -12.28
CA GLY A 192 37.19 11.34 -11.65
C GLY A 192 37.25 12.22 -10.42
N VAL A 193 38.30 12.06 -9.62
CA VAL A 193 38.46 12.87 -8.42
C VAL A 193 38.88 14.30 -8.79
N LYS A 194 39.57 14.45 -9.92
CA LYS A 194 39.91 15.80 -10.40
C LYS A 194 38.65 16.55 -10.82
N LEU A 195 37.64 15.83 -11.32
CA LEU A 195 36.31 16.43 -11.56
C LEU A 195 35.68 16.88 -10.24
N LEU A 196 35.76 16.05 -9.20
CA LEU A 196 35.31 16.49 -7.88
C LEU A 196 36.02 17.79 -7.45
N LYS A 197 37.34 17.82 -7.61
CA LYS A 197 38.10 18.98 -7.18
C LYS A 197 37.72 20.20 -8.00
N ARG A 198 37.48 20.00 -9.29
CA ARG A 198 36.98 21.06 -10.17
C ARG A 198 35.69 21.66 -9.61
N LEU A 199 34.76 20.81 -9.17
CA LEU A 199 33.51 21.30 -8.62
C LEU A 199 33.75 22.16 -7.38
N VAL A 200 34.68 21.73 -6.52
CA VAL A 200 35.00 22.48 -5.33
C VAL A 200 35.69 23.77 -5.72
N ASP A 201 36.65 23.68 -6.65
CA ASP A 201 37.45 24.87 -7.05
C ASP A 201 36.61 25.90 -7.76
N GLU A 202 35.62 25.45 -8.53
CA GLU A 202 34.71 26.37 -9.18
C GLU A 202 33.58 26.90 -8.26
N GLY A 203 33.55 26.45 -7.00
CA GLY A 203 32.63 26.98 -5.96
C GLY A 203 31.24 26.36 -5.97
N ILE A 204 31.09 25.29 -6.76
CA ILE A 204 29.83 24.55 -6.94
CA ILE A 204 29.80 24.61 -6.91
C ILE A 204 29.54 23.69 -5.71
N LEU A 205 30.61 23.11 -5.16
CA LEU A 205 30.55 22.32 -3.92
C LEU A 205 31.41 23.00 -2.87
N ASP A 206 31.02 22.86 -1.61
CA ASP A 206 31.78 23.38 -0.48
C ASP A 206 32.44 22.18 0.20
N PRO A 207 33.65 22.38 0.75
CA PRO A 207 34.34 21.32 1.48
C PRO A 207 33.57 20.68 2.62
N SER A 208 32.58 21.38 3.17
CA SER A 208 31.82 20.86 4.29
C SER A 208 30.60 20.07 3.84
N ASP A 209 30.31 20.03 2.53
CA ASP A 209 29.06 19.42 2.08
C ASP A 209 29.04 17.94 2.45
N ASN A 210 27.94 17.51 3.05
CA ASN A 210 27.80 16.11 3.41
C ASN A 210 26.37 15.66 3.17
N TYR A 211 26.04 14.45 3.58
CA TYR A 211 24.71 13.92 3.31
C TYR A 211 23.60 14.77 3.92
N GLN A 212 23.75 15.12 5.19
CA GLN A 212 22.72 15.87 5.91
C GLN A 212 22.44 17.22 5.27
N ILE A 213 23.50 17.94 4.88
CA ILE A 213 23.33 19.24 4.23
C ILE A 213 22.60 19.05 2.92
N MET A 214 23.04 18.07 2.12
CA MET A 214 22.40 17.81 0.81
C MET A 214 20.90 17.53 0.96
N ASP A 215 20.62 16.59 1.84
CA ASP A 215 19.27 16.05 2.00
C ASP A 215 18.34 17.11 2.59
N SER A 216 18.78 17.78 3.65
CA SER A 216 17.94 18.81 4.26
C SER A 216 17.71 20.00 3.37
N MET A 217 18.75 20.49 2.70
CA MET A 217 18.57 21.63 1.81
C MET A 217 17.62 21.30 0.66
N PHE A 218 17.75 20.10 0.08
CA PHE A 218 16.86 19.76 -1.01
C PHE A 218 15.45 19.61 -0.49
N ARG A 219 15.26 18.93 0.64
CA ARG A 219 13.91 18.72 1.18
C ARG A 219 13.22 20.05 1.49
N GLU A 220 14.00 21.06 1.86
CA GLU A 220 13.46 22.33 2.34
C GLU A 220 13.33 23.36 1.25
N GLY A 221 13.54 22.93 0.01
CA GLY A 221 13.34 23.79 -1.16
C GLY A 221 14.49 24.71 -1.45
N GLN A 222 15.67 24.38 -0.89
CA GLN A 222 16.83 25.29 -0.94
C GLN A 222 18.01 24.73 -1.74
N ALA A 223 17.75 23.73 -2.57
CA ALA A 223 18.78 23.20 -3.46
C ALA A 223 18.18 22.79 -4.82
N ALA A 224 18.81 23.23 -5.90
CA ALA A 224 18.29 22.97 -7.24
C ALA A 224 18.56 21.58 -7.73
N MET A 225 19.76 21.07 -7.45
CA MET A 225 20.18 19.77 -7.98
C MET A 225 21.03 19.06 -6.93
N ILE A 226 20.82 17.75 -6.82
CA ILE A 226 21.66 16.90 -5.96
C ILE A 226 21.92 15.57 -6.62
N ILE A 227 22.92 14.85 -6.08
CA ILE A 227 23.15 13.46 -6.49
C ILE A 227 22.86 12.62 -5.26
N ASN A 228 21.76 11.87 -5.32
CA ASN A 228 21.25 11.09 -4.19
C ASN A 228 20.41 9.95 -4.74
N GLY A 229 20.02 9.04 -3.85
CA GLY A 229 19.34 7.82 -4.21
C GLY A 229 17.83 7.83 -3.94
N PRO A 230 17.18 6.74 -4.33
CA PRO A 230 15.72 6.66 -4.23
C PRO A 230 15.18 6.66 -2.81
N TRP A 231 16.03 6.32 -1.85
CA TRP A 231 15.69 6.38 -0.43
C TRP A 231 15.28 7.74 0.05
N ALA A 232 15.64 8.77 -0.72
CA ALA A 232 15.41 10.16 -0.24
C ALA A 232 14.11 10.80 -0.76
N ILE A 233 13.52 10.19 -1.77
CA ILE A 233 12.47 10.80 -2.56
CA ILE A 233 12.48 10.85 -2.54
C ILE A 233 11.14 11.00 -1.81
N LYS A 234 10.75 9.99 -1.02
CA LYS A 234 9.45 10.09 -0.35
C LYS A 234 9.41 11.31 0.56
N ALA A 235 10.51 11.58 1.28
CA ALA A 235 10.58 12.77 2.12
C ALA A 235 10.44 14.05 1.30
N TYR A 236 11.07 14.06 0.13
CA TYR A 236 11.00 15.23 -0.75
C TYR A 236 9.55 15.43 -1.25
N LYS A 237 8.91 14.32 -1.67
CA LYS A 237 7.53 14.36 -2.14
C LYS A 237 6.62 14.87 -1.04
N ASP A 238 6.77 14.32 0.15
CA ASP A 238 5.95 14.73 1.30
C ASP A 238 6.15 16.18 1.71
N ALA A 239 7.33 16.72 1.49
CA ALA A 239 7.63 18.12 1.75
C ALA A 239 7.13 19.06 0.66
N GLY A 240 6.55 18.50 -0.40
CA GLY A 240 5.95 19.27 -1.49
C GLY A 240 6.91 19.72 -2.57
N ILE A 241 8.07 19.05 -2.67
CA ILE A 241 9.04 19.39 -3.67
C ILE A 241 8.60 18.83 -5.02
N ASP A 242 8.59 19.66 -6.05
CA ASP A 242 8.33 19.22 -7.40
C ASP A 242 9.64 18.79 -8.04
N TYR A 243 10.04 17.54 -7.80
CA TYR A 243 11.35 17.07 -8.20
C TYR A 243 11.23 16.16 -9.44
N GLY A 244 12.34 16.01 -10.14
CA GLY A 244 12.52 14.95 -11.11
C GLY A 244 13.78 14.15 -10.80
N VAL A 245 13.90 13.00 -11.46
CA VAL A 245 15.03 12.10 -11.38
C VAL A 245 15.59 11.82 -12.78
N ALA A 246 16.89 11.94 -12.94
CA ALA A 246 17.54 11.73 -14.22
C ALA A 246 18.89 11.11 -13.95
N PRO A 247 19.52 10.46 -14.95
CA PRO A 247 20.88 10.02 -14.71
C PRO A 247 21.78 11.19 -14.37
N ILE A 248 22.86 10.92 -13.65
CA ILE A 248 23.89 11.93 -13.41
C ILE A 248 24.31 12.37 -14.81
N PRO A 249 24.48 13.67 -15.06
CA PRO A 249 24.92 14.09 -16.38
C PRO A 249 26.24 13.46 -16.82
N ASP A 250 26.38 13.17 -18.12
CA ASP A 250 27.59 12.56 -18.65
C ASP A 250 28.80 13.39 -18.25
N LEU A 251 29.90 12.73 -17.92
CA LEU A 251 31.08 13.40 -17.34
C LEU A 251 31.67 14.29 -18.42
N GLU A 252 31.66 13.74 -19.63
CA GLU A 252 32.01 14.46 -20.85
C GLU A 252 31.29 13.71 -21.99
N PRO A 253 31.21 14.32 -23.18
CA PRO A 253 30.42 13.75 -24.26
C PRO A 253 30.67 12.25 -24.48
N GLY A 254 29.61 11.47 -24.33
CA GLY A 254 29.66 10.02 -24.58
C GLY A 254 30.23 9.17 -23.44
N VAL A 255 30.52 9.80 -22.30
CA VAL A 255 31.19 9.13 -21.17
C VAL A 255 30.27 9.26 -19.97
N PRO A 256 29.43 8.25 -19.75
CA PRO A 256 28.46 8.33 -18.69
C PRO A 256 29.06 8.19 -17.30
N ALA A 257 28.38 8.81 -16.32
CA ALA A 257 28.64 8.48 -14.93
C ALA A 257 28.25 7.04 -14.70
N ARG A 258 28.96 6.38 -13.80
CA ARG A 258 28.69 4.97 -13.48
CA ARG A 258 28.68 4.97 -13.48
C ARG A 258 28.58 4.74 -11.96
N PRO A 259 27.37 4.91 -11.41
CA PRO A 259 27.21 4.79 -9.97
C PRO A 259 27.33 3.35 -9.46
N PHE A 260 27.60 3.22 -8.16
CA PHE A 260 27.36 1.95 -7.52
C PHE A 260 25.90 1.53 -7.61
N VAL A 261 25.69 0.22 -7.78
CA VAL A 261 24.36 -0.33 -7.61
C VAL A 261 24.34 -1.06 -6.27
N GLY A 262 23.31 -0.79 -5.50
CA GLY A 262 23.12 -1.48 -4.23
C GLY A 262 21.85 -2.27 -4.21
N VAL A 263 21.84 -3.34 -3.40
CA VAL A 263 20.63 -4.11 -3.14
C VAL A 263 20.34 -4.05 -1.65
N GLN A 264 19.12 -3.70 -1.27
CA GLN A 264 18.73 -3.61 0.15
C GLN A 264 17.94 -4.86 0.49
N GLY A 265 18.12 -5.38 1.70
CA GLY A 265 17.46 -6.60 2.05
C GLY A 265 17.46 -6.93 3.52
N PHE A 266 16.85 -8.06 3.85
CA PHE A 266 16.68 -8.51 5.23
C PHE A 266 17.64 -9.66 5.52
N MET A 267 18.37 -9.53 6.61
CA MET A 267 19.36 -10.51 7.03
C MET A 267 19.01 -11.01 8.44
N VAL A 268 19.33 -12.28 8.74
CA VAL A 268 18.96 -12.91 10.00
C VAL A 268 20.21 -13.18 10.83
N ASN A 269 20.12 -12.86 12.12
CA ASN A 269 21.20 -13.05 13.05
C ASN A 269 21.40 -14.53 13.36
N ALA A 270 22.57 -15.04 13.01
CA ALA A 270 22.90 -16.44 13.24
C ALA A 270 23.06 -16.79 14.70
N LYS A 271 23.27 -15.79 15.54
CA LYS A 271 23.41 -16.03 16.99
C LYS A 271 22.08 -15.94 17.71
N SER A 272 21.03 -15.57 17.01
CA SER A 272 19.75 -15.42 17.68
C SER A 272 19.03 -16.74 17.91
N PRO A 273 18.51 -16.94 19.12
CA PRO A 273 17.73 -18.15 19.36
C PRO A 273 16.38 -18.14 18.61
N ASN A 274 16.00 -16.98 18.06
CA ASN A 274 14.76 -16.83 17.27
C ASN A 274 14.99 -16.91 15.76
N LYS A 275 16.16 -17.41 15.35
CA LYS A 275 16.49 -17.38 13.94
C LYS A 275 15.55 -18.15 13.03
N LEU A 276 15.06 -19.30 13.50
CA LEU A 276 14.07 -20.05 12.74
C LEU A 276 12.77 -19.26 12.54
N LEU A 277 12.29 -18.58 13.59
CA LEU A 277 11.08 -17.78 13.53
C LEU A 277 11.33 -16.53 12.66
N ALA A 278 12.53 -15.96 12.76
CA ALA A 278 12.90 -14.84 11.91
C ALA A 278 12.86 -15.23 10.43
N ILE A 279 13.40 -16.40 10.09
CA ILE A 279 13.40 -16.86 8.71
C ILE A 279 11.94 -17.04 8.25
N GLU A 280 11.09 -17.63 9.08
CA GLU A 280 9.66 -17.78 8.74
C GLU A 280 8.99 -16.44 8.47
N PHE A 281 9.19 -15.48 9.36
CA PHE A 281 8.66 -14.13 9.19
C PHE A 281 9.05 -13.57 7.80
N LEU A 282 10.31 -13.76 7.44
CA LEU A 282 10.79 -13.17 6.19
C LEU A 282 10.25 -13.89 4.96
N THR A 283 10.27 -15.21 4.98
CA THR A 283 9.92 -15.98 3.78
C THR A 283 8.41 -16.11 3.59
N SER A 284 7.67 -16.22 4.69
CA SER A 284 6.23 -16.51 4.65
C SER A 284 5.36 -15.25 4.57
N PHE A 285 5.95 -14.10 4.91
CA PHE A 285 5.20 -12.86 5.02
C PHE A 285 5.89 -11.69 4.31
N ILE A 286 7.10 -11.36 4.73
CA ILE A 286 7.82 -10.22 4.13
C ILE A 286 7.99 -10.45 2.64
N ALA A 287 8.28 -11.68 2.25
CA ALA A 287 8.63 -11.99 0.85
C ALA A 287 7.46 -11.99 -0.12
N LYS A 288 6.23 -11.92 0.36
CA LYS A 288 5.08 -12.05 -0.49
C LYS A 288 4.90 -10.82 -1.36
N LYS A 289 4.19 -11.00 -2.47
CA LYS A 289 3.94 -9.92 -3.43
C LYS A 289 3.33 -8.67 -2.82
N GLU A 290 2.20 -8.80 -2.16
CA GLU A 290 1.60 -7.62 -1.52
C GLU A 290 2.57 -6.98 -0.52
N THR A 291 3.27 -7.78 0.30
CA THR A 291 4.12 -7.18 1.33
C THR A 291 5.28 -6.41 0.71
N MET A 292 5.87 -6.99 -0.32
CA MET A 292 6.95 -6.33 -1.03
C MET A 292 6.50 -5.02 -1.71
N TYR A 293 5.27 -5.00 -2.24
CA TYR A 293 4.72 -3.79 -2.85
C TYR A 293 4.43 -2.73 -1.77
N ARG A 294 3.91 -3.17 -0.64
CA ARG A 294 3.66 -2.26 0.49
C ARG A 294 4.97 -1.67 1.02
N ILE A 295 6.05 -2.45 1.02
CA ILE A 295 7.37 -1.92 1.36
C ILE A 295 7.82 -0.88 0.35
N TYR A 296 7.67 -1.17 -0.94
CA TYR A 296 7.91 -0.17 -1.98
C TYR A 296 7.13 1.11 -1.69
N LEU A 297 5.85 0.98 -1.40
CA LEU A 297 5.02 2.18 -1.23
C LEU A 297 5.49 3.00 -0.05
N GLY A 298 5.98 2.34 1.00
CA GLY A 298 6.52 3.03 2.19
C GLY A 298 7.95 3.54 2.06
N ASP A 299 8.69 2.95 1.12
CA ASP A 299 10.14 3.21 0.94
C ASP A 299 10.47 2.88 -0.52
N PRO A 300 10.08 3.77 -1.44
CA PRO A 300 10.13 3.52 -2.86
C PRO A 300 11.53 3.54 -3.48
N ARG A 301 12.03 2.35 -3.85
CA ARG A 301 13.31 2.20 -4.57
C ARG A 301 13.02 1.44 -5.85
N LEU A 302 13.83 0.43 -6.20
CA LEU A 302 13.58 -0.40 -7.40
C LEU A 302 13.29 -1.85 -6.97
N PRO A 303 12.02 -2.24 -6.92
CA PRO A 303 11.74 -3.56 -6.34
C PRO A 303 12.48 -4.78 -6.91
N SER A 304 12.90 -5.69 -6.04
CA SER A 304 13.69 -6.87 -6.41
C SER A 304 12.81 -8.09 -6.70
N ARG A 305 11.55 -8.01 -6.30
CA ARG A 305 10.59 -9.03 -6.60
C ARG A 305 10.01 -8.65 -7.95
N LYS A 306 10.13 -9.56 -8.91
CA LYS A 306 9.80 -9.26 -10.31
C LYS A 306 8.37 -8.75 -10.56
N ASP A 307 7.41 -9.40 -9.94
CA ASP A 307 6.02 -9.01 -10.13
C ASP A 307 5.64 -7.72 -9.41
N VAL A 308 6.54 -7.24 -8.55
CA VAL A 308 6.34 -5.95 -7.92
C VAL A 308 6.96 -4.84 -8.78
N LEU A 309 8.14 -5.11 -9.35
CA LEU A 309 8.72 -4.15 -10.28
C LEU A 309 7.75 -3.88 -11.43
N GLU A 310 7.06 -4.92 -11.86
CA GLU A 310 6.07 -4.80 -12.92
C GLU A 310 4.96 -3.79 -12.59
N LEU A 311 4.59 -3.70 -11.31
CA LEU A 311 3.58 -2.73 -10.85
C LEU A 311 4.00 -1.28 -10.90
N VAL A 312 5.30 -1.04 -10.81
CA VAL A 312 5.82 0.32 -10.64
C VAL A 312 6.68 0.80 -11.83
N LYS A 313 6.82 -0.02 -12.86
CA LYS A 313 7.82 0.22 -13.93
C LYS A 313 7.62 1.53 -14.68
N ASP A 314 6.39 2.04 -14.69
CA ASP A 314 6.09 3.28 -15.39
C ASP A 314 6.08 4.53 -14.49
N ASN A 315 6.41 4.38 -13.21
CA ASN A 315 6.58 5.55 -12.36
C ASN A 315 7.80 6.32 -12.85
N PRO A 316 7.67 7.64 -13.10
CA PRO A 316 8.81 8.39 -13.64
C PRO A 316 10.09 8.30 -12.81
N ASP A 317 9.92 8.13 -11.51
CA ASP A 317 11.07 8.03 -10.62
C ASP A 317 11.76 6.69 -10.80
N VAL A 318 10.96 5.63 -10.82
CA VAL A 318 11.51 4.30 -11.14
C VAL A 318 12.25 4.34 -12.48
N VAL A 319 11.64 4.97 -13.48
CA VAL A 319 12.27 5.10 -14.78
C VAL A 319 13.63 5.82 -14.67
N GLY A 320 13.68 6.90 -13.91
CA GLY A 320 14.90 7.68 -13.79
C GLY A 320 16.03 6.94 -13.08
N PHE A 321 15.68 6.31 -11.97
CA PHE A 321 16.68 5.57 -11.20
C PHE A 321 17.17 4.33 -11.98
N THR A 322 16.26 3.72 -12.75
CA THR A 322 16.60 2.58 -13.58
C THR A 322 17.62 2.99 -14.65
N LEU A 323 17.38 4.13 -15.29
CA LEU A 323 18.30 4.62 -16.30
CA LEU A 323 18.31 4.66 -16.29
C LEU A 323 19.68 4.90 -15.67
N SER A 324 19.72 5.43 -14.45
CA SER A 324 20.99 5.62 -13.78
C SER A 324 21.68 4.29 -13.46
N ALA A 325 20.92 3.34 -12.91
CA ALA A 325 21.46 2.02 -12.50
C ALA A 325 21.96 1.23 -13.70
N ALA A 326 21.38 1.48 -14.87
CA ALA A 326 21.83 0.78 -16.08
C ALA A 326 23.31 1.03 -16.40
N ASN A 327 23.85 2.21 -16.08
CA ASN A 327 25.28 2.48 -16.31
C ASN A 327 26.15 2.13 -15.10
N GLY A 328 25.53 1.52 -14.09
CA GLY A 328 26.20 1.31 -12.81
C GLY A 328 26.91 -0.02 -12.59
N ILE A 329 27.56 -0.13 -11.43
CA ILE A 329 28.41 -1.26 -11.07
C ILE A 329 27.99 -1.75 -9.67
N PRO A 330 27.51 -3.02 -9.53
CA PRO A 330 27.16 -3.47 -8.17
C PRO A 330 28.33 -3.37 -7.19
N MET A 331 28.06 -2.93 -5.98
CA MET A 331 29.07 -2.97 -4.98
C MET A 331 29.54 -4.40 -4.78
N PRO A 332 30.86 -4.60 -4.62
CA PRO A 332 31.31 -5.89 -4.13
C PRO A 332 30.72 -6.25 -2.78
N ASN A 333 30.52 -7.54 -2.54
CA ASN A 333 30.06 -8.03 -1.25
C ASN A 333 31.11 -8.86 -0.52
N VAL A 334 32.31 -8.91 -1.07
CA VAL A 334 33.40 -9.67 -0.47
C VAL A 334 33.83 -9.02 0.85
N PRO A 335 34.43 -9.82 1.77
CA PRO A 335 34.80 -9.24 3.06
C PRO A 335 35.72 -8.01 2.96
N GLN A 336 36.60 -8.03 1.94
CA GLN A 336 37.59 -6.98 1.74
C GLN A 336 36.98 -5.59 1.46
N MET A 337 35.70 -5.57 1.07
CA MET A 337 35.05 -4.31 0.74
C MET A 337 35.02 -3.45 2.00
N ALA A 338 35.00 -4.07 3.18
CA ALA A 338 34.91 -3.33 4.44
C ALA A 338 36.10 -2.35 4.63
N ALA A 339 37.25 -2.74 4.08
CA ALA A 339 38.52 -2.00 4.13
C ALA A 339 38.59 -0.81 3.18
N VAL A 340 37.60 -0.65 2.31
CA VAL A 340 37.69 0.33 1.24
C VAL A 340 37.19 1.71 1.64
N TRP A 341 36.06 1.74 2.33
CA TRP A 341 35.27 2.94 2.44
C TRP A 341 35.99 4.04 3.21
N ALA A 342 36.52 3.70 4.38
CA ALA A 342 37.13 4.74 5.24
C ALA A 342 38.37 5.38 4.59
N ALA A 343 39.21 4.54 3.99
CA ALA A 343 40.41 5.01 3.31
C ALA A 343 40.05 6.00 2.18
N MET A 344 39.02 5.66 1.40
CA MET A 344 38.61 6.53 0.28
C MET A 344 37.94 7.81 0.77
N ASN A 345 37.10 7.71 1.79
CA ASN A 345 36.48 8.86 2.41
C ASN A 345 37.57 9.82 2.91
N ASP A 346 38.57 9.26 3.56
CA ASP A 346 39.64 10.07 4.10
C ASP A 346 40.42 10.75 2.98
N ALA A 347 40.68 10.01 1.89
CA ALA A 347 41.35 10.59 0.74
C ALA A 347 40.56 11.77 0.16
N LEU A 348 39.25 11.62 0.06
CA LEU A 348 38.44 12.65 -0.60
C LEU A 348 38.34 13.86 0.29
N ASN A 349 38.33 13.66 1.62
CA ASN A 349 38.34 14.76 2.58
C ASN A 349 39.60 15.58 2.40
N LEU A 350 40.74 14.90 2.31
CA LEU A 350 41.99 15.63 2.02
C LEU A 350 41.91 16.43 0.72
N VAL A 351 41.36 15.83 -0.33
CA VAL A 351 41.23 16.53 -1.61
C VAL A 351 40.33 17.75 -1.52
N VAL A 352 39.12 17.61 -0.99
CA VAL A 352 38.15 18.71 -1.05
C VAL A 352 38.56 19.87 -0.10
N ASN A 353 39.38 19.55 0.90
CA ASN A 353 39.96 20.57 1.81
C ASN A 353 41.34 21.09 1.37
N GLY A 354 41.79 20.72 0.17
CA GLY A 354 43.05 21.21 -0.38
C GLY A 354 44.28 20.84 0.44
N LYS A 355 44.25 19.65 1.05
CA LYS A 355 45.33 19.14 1.89
C LYS A 355 46.34 18.26 1.14
N ALA A 356 45.96 17.77 -0.03
CA ALA A 356 46.80 16.87 -0.79
C ALA A 356 46.40 16.94 -2.25
N THR A 357 47.32 16.59 -3.13
CA THR A 357 47.00 16.40 -4.53
C THR A 357 46.12 15.17 -4.67
N VAL A 358 45.37 15.10 -5.76
CA VAL A 358 44.49 13.96 -6.00
C VAL A 358 45.32 12.67 -6.05
N GLU A 359 46.42 12.72 -6.80
CA GLU A 359 47.35 11.60 -6.99
C GLU A 359 47.91 11.09 -5.65
N GLU A 360 48.42 11.99 -4.81
CA GLU A 360 48.94 11.58 -3.51
C GLU A 360 47.82 10.97 -2.65
N ALA A 361 46.68 11.65 -2.54
CA ALA A 361 45.63 11.17 -1.67
C ALA A 361 45.18 9.78 -2.11
N LEU A 362 45.01 9.55 -3.40
CA LEU A 362 44.48 8.27 -3.86
C LEU A 362 45.54 7.17 -3.78
N LYS A 363 46.79 7.51 -4.08
CA LYS A 363 47.84 6.50 -3.97
C LYS A 363 47.96 6.04 -2.53
N ASN A 364 47.91 6.97 -1.57
CA ASN A 364 47.96 6.61 -0.14
C ASN A 364 46.74 5.79 0.28
N ALA A 365 45.57 6.16 -0.22
CA ALA A 365 44.35 5.41 0.08
C ALA A 365 44.52 3.96 -0.32
N VAL A 366 44.99 3.73 -1.55
CA VAL A 366 45.17 2.37 -2.02
C VAL A 366 46.20 1.59 -1.18
N GLU A 367 47.31 2.23 -0.79
CA GLU A 367 48.29 1.58 0.07
C GLU A 367 47.66 1.16 1.39
N ARG A 368 46.79 2.00 1.92
CA ARG A 368 46.13 1.75 3.17
C ARG A 368 45.18 0.56 3.04
N ILE A 369 44.44 0.52 1.94
CA ILE A 369 43.47 -0.55 1.74
C ILE A 369 44.21 -1.87 1.62
N LYS A 370 45.30 -1.88 0.86
CA LYS A 370 46.06 -3.11 0.61
C LYS A 370 46.65 -3.65 1.89
N ALA A 371 47.20 -2.75 2.71
CA ALA A 371 47.76 -3.14 4.01
C ALA A 371 46.70 -3.76 4.89
N GLN A 372 45.51 -3.16 4.91
CA GLN A 372 44.44 -3.65 5.74
C GLN A 372 43.99 -5.03 5.26
N ILE A 373 43.86 -5.19 3.94
CA ILE A 373 43.46 -6.47 3.31
C ILE A 373 44.47 -7.58 3.59
N GLN A 374 45.74 -7.23 3.46
CA GLN A 374 46.84 -8.17 3.68
C GLN A 374 47.08 -8.38 5.17
N MET B 1 -5.76 32.64 -3.98
CA MET B 1 -6.48 31.96 -2.88
C MET B 1 -6.52 30.46 -3.06
N GLN B 2 -6.14 29.76 -2.01
CA GLN B 2 -6.09 28.32 -2.03
C GLN B 2 -7.51 27.75 -2.12
N PRO B 3 -7.73 26.83 -3.07
CA PRO B 3 -9.02 26.15 -3.10
C PRO B 3 -9.07 24.99 -2.12
N LYS B 4 -10.26 24.46 -1.90
CA LYS B 4 -10.44 23.35 -0.98
C LYS B 4 -11.47 22.37 -1.48
N LEU B 5 -11.16 21.10 -1.33
CA LEU B 5 -12.14 20.02 -1.46
C LEU B 5 -12.51 19.42 -0.10
N THR B 6 -13.81 19.30 0.15
CA THR B 6 -14.29 18.63 1.36
CA THR B 6 -14.31 18.64 1.35
C THR B 6 -14.93 17.30 0.96
N ILE B 7 -14.67 16.27 1.76
CA ILE B 7 -15.17 14.92 1.53
C ILE B 7 -15.92 14.45 2.76
N TRP B 8 -17.13 13.89 2.56
CA TRP B 8 -17.82 13.15 3.63
C TRP B 8 -17.75 11.64 3.36
N CYS B 9 -17.40 10.88 4.41
CA CYS B 9 -17.32 9.43 4.33
C CYS B 9 -17.51 8.81 5.70
N SER B 10 -17.80 7.52 5.70
CA SER B 10 -17.92 6.75 6.91
C SER B 10 -16.59 6.57 7.63
N GLU B 11 -16.64 5.97 8.82
CA GLU B 11 -15.43 5.82 9.61
C GLU B 11 -14.47 4.84 8.95
N LYS B 12 -14.96 3.99 8.03
CA LYS B 12 -14.11 2.99 7.39
C LYS B 12 -13.07 3.62 6.48
N GLN B 13 -13.42 4.74 5.82
CA GLN B 13 -12.52 5.32 4.81
C GLN B 13 -11.73 6.52 5.30
N VAL B 14 -12.10 7.06 6.46
CA VAL B 14 -11.61 8.37 6.85
C VAL B 14 -10.10 8.45 6.96
N ASP B 15 -9.47 7.48 7.61
CA ASP B 15 -8.01 7.54 7.79
C ASP B 15 -7.23 7.59 6.47
N ILE B 16 -7.53 6.66 5.55
CA ILE B 16 -6.80 6.62 4.28
C ILE B 16 -7.12 7.85 3.44
N LEU B 17 -8.38 8.25 3.41
CA LEU B 17 -8.68 9.45 2.61
C LEU B 17 -8.02 10.72 3.17
N GLN B 18 -7.94 10.83 4.48
CA GLN B 18 -7.20 11.93 5.09
C GLN B 18 -5.73 11.95 4.66
N LYS B 19 -5.10 10.78 4.67
CA LYS B 19 -3.71 10.67 4.27
C LYS B 19 -3.55 11.02 2.78
N LEU B 20 -4.43 10.50 1.93
CA LEU B 20 -4.33 10.81 0.51
C LEU B 20 -4.57 12.30 0.25
N GLY B 21 -5.50 12.89 1.00
CA GLY B 21 -5.73 14.33 0.89
C GLY B 21 -4.49 15.14 1.22
N GLU B 22 -3.77 14.73 2.26
CA GLU B 22 -2.49 15.40 2.60
C GLU B 22 -1.51 15.32 1.44
N GLU B 23 -1.45 14.17 0.76
CA GLU B 23 -0.53 14.01 -0.35
C GLU B 23 -0.91 14.88 -1.53
N PHE B 24 -2.22 14.95 -1.83
CA PHE B 24 -2.75 15.82 -2.89
C PHE B 24 -2.41 17.28 -2.60
N LYS B 25 -2.58 17.69 -1.36
CA LYS B 25 -2.26 19.08 -0.94
C LYS B 25 -0.79 19.36 -1.12
N ALA B 26 0.06 18.44 -0.69
CA ALA B 26 1.50 18.63 -0.82
C ALA B 26 1.92 18.83 -2.27
N LYS B 27 1.31 18.07 -3.17
CA LYS B 27 1.65 18.11 -4.57
C LYS B 27 1.07 19.30 -5.30
N TYR B 28 -0.21 19.59 -5.09
CA TYR B 28 -0.94 20.58 -5.88
C TYR B 28 -1.34 21.87 -5.17
N GLY B 29 -1.18 21.94 -3.85
CA GLY B 29 -1.56 23.12 -3.09
C GLY B 29 -3.05 23.29 -2.87
N VAL B 30 -3.78 22.21 -3.08
CA VAL B 30 -5.22 22.17 -2.93
C VAL B 30 -5.51 21.59 -1.55
N GLU B 31 -6.20 22.35 -0.70
CA GLU B 31 -6.60 21.79 0.60
C GLU B 31 -7.61 20.67 0.44
N VAL B 32 -7.44 19.60 1.22
CA VAL B 32 -8.44 18.54 1.28
C VAL B 32 -8.83 18.24 2.72
N GLU B 33 -10.13 18.31 2.98
CA GLU B 33 -10.68 18.20 4.33
C GLU B 33 -11.64 17.00 4.30
N VAL B 34 -11.32 15.96 5.05
CA VAL B 34 -12.17 14.77 5.13
C VAL B 34 -12.88 14.74 6.47
N GLN B 35 -14.20 14.63 6.41
CA GLN B 35 -15.03 14.68 7.58
C GLN B 35 -15.80 13.39 7.73
N TYR B 36 -15.63 12.75 8.89
CA TYR B 36 -16.37 11.55 9.25
C TYR B 36 -17.85 11.91 9.39
N VAL B 37 -18.70 11.14 8.72
CA VAL B 37 -20.15 11.22 8.88
C VAL B 37 -20.66 9.78 8.93
N ASN B 38 -21.45 9.46 9.95
CA ASN B 38 -22.15 8.17 10.05
CA ASN B 38 -22.15 8.20 10.15
C ASN B 38 -22.69 7.73 8.71
N PHE B 39 -22.36 6.52 8.24
CA PHE B 39 -22.83 6.06 6.92
C PHE B 39 -24.33 6.27 6.72
N GLN B 40 -25.10 5.91 7.74
CA GLN B 40 -26.56 5.94 7.65
C GLN B 40 -27.13 7.36 7.66
N ASP B 41 -26.28 8.37 7.80
CA ASP B 41 -26.69 9.76 7.78
C ASP B 41 -26.12 10.53 6.60
N ILE B 42 -25.22 9.91 5.82
CA ILE B 42 -24.58 10.67 4.74
C ILE B 42 -25.60 11.15 3.69
N LYS B 43 -26.44 10.24 3.19
CA LYS B 43 -27.37 10.61 2.13
C LYS B 43 -28.39 11.65 2.62
N SER B 44 -28.98 11.45 3.79
CA SER B 44 -29.98 12.40 4.30
C SER B 44 -29.34 13.76 4.60
N LYS B 45 -28.12 13.76 5.14
CA LYS B 45 -27.40 15.02 5.37
C LYS B 45 -27.13 15.75 4.06
N PHE B 46 -26.78 15.01 3.03
CA PHE B 46 -26.44 15.58 1.74
C PHE B 46 -27.70 16.10 1.00
N LEU B 47 -28.78 15.32 1.05
CA LEU B 47 -30.06 15.77 0.51
C LEU B 47 -30.45 17.11 1.10
N THR B 48 -30.24 17.26 2.40
CA THR B 48 -30.56 18.50 3.11
C THR B 48 -29.57 19.61 2.74
N ALA B 49 -28.27 19.32 2.86
CA ALA B 49 -27.24 20.37 2.81
C ALA B 49 -26.88 20.84 1.42
N ALA B 50 -26.84 19.92 0.45
CA ALA B 50 -26.36 20.27 -0.88
C ALA B 50 -27.17 21.39 -1.56
N PRO B 51 -28.52 21.31 -1.51
CA PRO B 51 -29.29 22.41 -2.09
C PRO B 51 -29.08 23.75 -1.41
N GLU B 52 -28.57 23.74 -0.17
CA GLU B 52 -28.31 24.98 0.57
C GLU B 52 -26.87 25.47 0.45
N GLY B 53 -26.10 24.89 -0.47
CA GLY B 53 -24.69 25.23 -0.63
C GLY B 53 -23.77 24.76 0.47
N GLN B 54 -24.22 23.80 1.27
CA GLN B 54 -23.46 23.33 2.43
C GLN B 54 -23.03 21.86 2.33
N GLY B 55 -23.24 21.25 1.17
CA GLY B 55 -22.85 19.87 0.95
C GLY B 55 -21.37 19.77 0.65
N ALA B 56 -20.76 18.66 1.08
CA ALA B 56 -19.38 18.36 0.72
C ALA B 56 -19.21 18.35 -0.81
N ASP B 57 -17.99 18.59 -1.28
CA ASP B 57 -17.72 18.56 -2.71
C ASP B 57 -17.79 17.12 -3.21
N ILE B 58 -17.39 16.20 -2.36
CA ILE B 58 -17.38 14.76 -2.67
C ILE B 58 -17.97 13.98 -1.50
N ILE B 59 -18.83 12.99 -1.80
CA ILE B 59 -19.30 12.04 -0.81
C ILE B 59 -18.93 10.63 -1.24
N VAL B 60 -18.74 9.79 -0.24
CA VAL B 60 -18.40 8.38 -0.42
C VAL B 60 -19.56 7.56 0.10
N GLY B 61 -20.00 6.61 -0.69
CA GLY B 61 -21.10 5.74 -0.27
C GLY B 61 -21.54 4.76 -1.32
N ALA B 62 -22.77 4.24 -1.13
CA ALA B 62 -23.29 3.06 -1.85
C ALA B 62 -23.98 3.41 -3.16
N HIS B 63 -23.86 2.54 -4.16
CA HIS B 63 -24.35 2.84 -5.48
C HIS B 63 -25.88 2.95 -5.52
N ASP B 64 -26.59 2.40 -4.54
CA ASP B 64 -28.08 2.42 -4.59
C ASP B 64 -28.61 3.85 -4.54
N TRP B 65 -27.77 4.77 -4.04
CA TRP B 65 -28.13 6.19 -3.89
C TRP B 65 -28.19 6.93 -5.22
N VAL B 66 -27.59 6.37 -6.25
CA VAL B 66 -27.27 7.14 -7.47
C VAL B 66 -28.52 7.73 -8.14
N GLY B 67 -29.57 6.93 -8.33
CA GLY B 67 -30.77 7.42 -9.03
C GLY B 67 -31.41 8.55 -8.31
N GLU B 68 -31.67 8.35 -7.02
CA GLU B 68 -32.28 9.36 -6.18
C GLU B 68 -31.48 10.67 -6.25
N LEU B 69 -30.17 10.58 -6.04
CA LEU B 69 -29.36 11.78 -6.05
C LEU B 69 -29.28 12.45 -7.42
N ALA B 70 -29.21 11.64 -8.46
CA ALA B 70 -29.12 12.12 -9.83
C ALA B 70 -30.38 12.85 -10.25
N VAL B 71 -31.55 12.28 -9.94
CA VAL B 71 -32.82 12.89 -10.38
C VAL B 71 -33.17 14.16 -9.58
N ASN B 72 -32.60 14.28 -8.40
CA ASN B 72 -32.73 15.48 -7.59
C ASN B 72 -31.66 16.52 -7.97
N GLY B 73 -30.90 16.22 -9.03
CA GLY B 73 -29.78 17.04 -9.50
C GLY B 73 -28.64 17.35 -8.55
N LEU B 74 -28.34 16.43 -7.62
CA LEU B 74 -27.36 16.69 -6.57
C LEU B 74 -25.98 16.09 -6.86
N ILE B 75 -25.87 15.17 -7.83
CA ILE B 75 -24.55 14.58 -8.16
C ILE B 75 -24.21 14.76 -9.63
N GLU B 76 -22.92 14.90 -9.89
CA GLU B 76 -22.43 15.37 -11.17
C GLU B 76 -21.98 14.20 -12.04
N PRO B 77 -22.37 14.18 -13.32
CA PRO B 77 -21.85 13.15 -14.22
C PRO B 77 -20.33 13.18 -14.35
N ILE B 78 -19.72 12.00 -14.39
CA ILE B 78 -18.30 11.85 -14.60
C ILE B 78 -18.05 11.63 -16.07
N PRO B 79 -17.46 12.61 -16.76
CA PRO B 79 -17.13 12.39 -18.16
C PRO B 79 -16.14 11.24 -18.32
N ASN B 80 -16.12 10.64 -19.50
CA ASN B 80 -15.21 9.54 -19.75
C ASN B 80 -13.77 9.90 -19.42
N PHE B 81 -12.99 8.89 -19.08
CA PHE B 81 -11.56 9.07 -18.93
C PHE B 81 -10.82 7.77 -19.14
N SER B 82 -9.50 7.90 -19.22
CA SER B 82 -8.59 6.87 -19.69
C SER B 82 -8.66 5.59 -18.88
N ASP B 83 -8.51 5.73 -17.57
CA ASP B 83 -8.42 4.57 -16.70
C ASP B 83 -9.69 3.74 -16.62
N LEU B 84 -10.80 4.18 -17.22
CA LEU B 84 -12.07 3.47 -17.02
C LEU B 84 -12.05 2.03 -17.51
N LYS B 85 -11.22 1.76 -18.51
CA LYS B 85 -11.05 0.40 -19.05
C LYS B 85 -10.55 -0.57 -17.97
N ASN B 86 -9.94 -0.02 -16.92
CA ASN B 86 -9.37 -0.81 -15.83
C ASN B 86 -10.33 -1.23 -14.72
N PHE B 87 -11.58 -0.76 -14.78
CA PHE B 87 -12.56 -1.04 -13.74
C PHE B 87 -13.55 -2.12 -14.19
N TYR B 88 -14.02 -2.93 -13.25
CA TYR B 88 -15.02 -3.96 -13.58
C TYR B 88 -16.28 -3.29 -14.10
N GLU B 89 -16.79 -3.80 -15.22
CA GLU B 89 -18.06 -3.32 -15.78
C GLU B 89 -19.18 -3.29 -14.74
N THR B 90 -19.23 -4.31 -13.87
CA THR B 90 -20.21 -4.41 -12.82
C THR B 90 -20.20 -3.15 -11.92
N ALA B 91 -18.99 -2.73 -11.56
CA ALA B 91 -18.80 -1.58 -10.71
C ALA B 91 -19.21 -0.28 -11.38
N LEU B 92 -18.86 -0.15 -12.65
CA LEU B 92 -19.17 1.06 -13.40
C LEU B 92 -20.66 1.17 -13.65
N ASN B 93 -21.27 0.05 -14.05
CA ASN B 93 -22.71 0.00 -14.27
C ASN B 93 -23.51 0.40 -13.04
N ALA B 94 -23.09 -0.06 -11.86
CA ALA B 94 -23.73 0.25 -10.60
C ALA B 94 -23.80 1.76 -10.31
N PHE B 95 -22.76 2.48 -10.74
CA PHE B 95 -22.73 3.93 -10.57
C PHE B 95 -23.20 4.70 -11.81
N SER B 96 -23.80 4.00 -12.77
CA SER B 96 -24.36 4.62 -13.96
C SER B 96 -25.89 4.66 -13.87
N TYR B 97 -26.48 5.73 -14.39
CA TYR B 97 -27.92 5.93 -14.34
C TYR B 97 -28.29 6.84 -15.48
N GLY B 98 -29.40 6.52 -16.13
CA GLY B 98 -29.83 7.27 -17.30
C GLY B 98 -28.75 7.51 -18.36
N GLY B 99 -27.84 6.57 -18.52
CA GLY B 99 -26.82 6.64 -19.54
C GLY B 99 -25.55 7.42 -19.21
N LYS B 100 -25.39 7.84 -17.96
CA LYS B 100 -24.21 8.59 -17.55
C LYS B 100 -23.60 7.94 -16.33
N LEU B 101 -22.29 8.08 -16.20
CA LEU B 101 -21.59 7.61 -15.01
C LEU B 101 -21.66 8.69 -13.94
N TYR B 102 -21.90 8.28 -12.69
CA TYR B 102 -22.12 9.24 -11.60
C TYR B 102 -21.21 9.02 -10.42
N GLY B 103 -20.19 8.20 -10.59
CA GLY B 103 -19.22 8.00 -9.52
C GLY B 103 -18.04 7.18 -9.96
N ILE B 104 -16.98 7.23 -9.15
CA ILE B 104 -15.80 6.41 -9.35
C ILE B 104 -15.87 5.35 -8.28
N PRO B 105 -16.10 4.08 -8.68
CA PRO B 105 -16.21 3.03 -7.65
C PRO B 105 -14.85 2.59 -7.14
N TYR B 106 -14.70 2.36 -5.83
CA TYR B 106 -13.41 1.80 -5.31
C TYR B 106 -13.55 0.33 -4.90
N ALA B 107 -14.77 -0.13 -4.69
CA ALA B 107 -14.97 -1.49 -4.22
C ALA B 107 -16.33 -2.06 -4.59
N MET B 108 -16.37 -3.38 -4.70
CA MET B 108 -17.63 -4.15 -4.65
C MET B 108 -17.67 -4.93 -3.34
N GLU B 109 -18.86 -5.38 -2.93
CA GLU B 109 -19.03 -6.11 -1.69
C GLU B 109 -20.32 -6.94 -1.75
N ALA B 110 -20.37 -7.98 -0.92
CA ALA B 110 -21.60 -8.66 -0.52
C ALA B 110 -21.40 -9.19 0.88
N ILE B 111 -22.48 -9.34 1.63
CA ILE B 111 -22.40 -10.00 2.94
C ILE B 111 -22.16 -11.49 2.70
N ALA B 112 -21.63 -12.10 3.74
CA ALA B 112 -21.14 -13.48 3.67
C ALA B 112 -21.14 -14.02 5.06
N LEU B 113 -20.90 -15.32 5.15
CA LEU B 113 -20.70 -15.95 6.44
C LEU B 113 -19.26 -15.67 6.89
N ILE B 114 -19.15 -14.94 8.00
CA ILE B 114 -17.88 -14.71 8.67
C ILE B 114 -17.91 -15.55 9.96
N TYR B 115 -16.90 -16.40 10.11
CA TYR B 115 -16.91 -17.35 11.20
C TYR B 115 -15.58 -17.34 11.93
N ASN B 116 -15.69 -17.50 13.24
CA ASN B 116 -14.53 -17.56 14.10
C ASN B 116 -14.03 -19.00 14.19
N LYS B 117 -12.83 -19.24 13.69
CA LYS B 117 -12.31 -20.61 13.52
C LYS B 117 -12.00 -21.27 14.85
N ASP B 118 -11.92 -20.48 15.92
CA ASP B 118 -11.75 -21.03 17.26
C ASP B 118 -12.97 -21.81 17.69
N TYR B 119 -14.13 -21.46 17.14
CA TYR B 119 -15.40 -22.15 17.43
C TYR B 119 -15.91 -23.04 16.29
N VAL B 120 -15.63 -22.64 15.04
CA VAL B 120 -16.08 -23.32 13.85
C VAL B 120 -14.90 -23.45 12.88
N PRO B 121 -14.12 -24.53 13.01
CA PRO B 121 -12.95 -24.80 12.15
C PRO B 121 -13.26 -24.86 10.67
N GLU B 122 -14.33 -25.55 10.31
CA GLU B 122 -14.82 -25.59 8.94
C GLU B 122 -16.24 -25.04 8.95
N PRO B 123 -16.58 -24.19 7.97
CA PRO B 123 -17.90 -23.58 8.02
C PRO B 123 -18.98 -24.53 7.53
N PRO B 124 -20.24 -24.31 7.98
CA PRO B 124 -21.36 -25.11 7.47
C PRO B 124 -21.61 -24.89 5.98
N LYS B 125 -22.08 -25.94 5.31
CA LYS B 125 -22.36 -25.89 3.87
C LYS B 125 -23.83 -25.62 3.57
N THR B 126 -24.69 -25.94 4.54
CA THR B 126 -26.13 -25.66 4.49
C THR B 126 -26.60 -24.90 5.72
N MET B 127 -27.72 -24.20 5.58
CA MET B 127 -28.28 -23.48 6.72
C MET B 127 -28.70 -24.44 7.85
N ASP B 128 -29.18 -25.62 7.48
CA ASP B 128 -29.47 -26.67 8.46
C ASP B 128 -28.22 -27.01 9.31
N GLU B 129 -27.08 -27.14 8.66
CA GLU B 129 -25.84 -27.41 9.36
C GLU B 129 -25.47 -26.23 10.25
N LEU B 130 -25.65 -25.02 9.73
CA LEU B 130 -25.42 -23.81 10.51
C LEU B 130 -26.28 -23.76 11.78
N ILE B 131 -27.57 -24.06 11.64
CA ILE B 131 -28.47 -24.05 12.76
C ILE B 131 -28.04 -25.08 13.82
N GLU B 132 -27.64 -26.27 13.38
CA GLU B 132 -27.14 -27.33 14.27
C GLU B 132 -25.87 -26.90 15.04
N ILE B 133 -24.92 -26.28 14.33
CA ILE B 133 -23.68 -25.77 14.94
C ILE B 133 -23.98 -24.63 15.94
N ALA B 134 -24.83 -23.69 15.55
CA ALA B 134 -25.17 -22.57 16.44
C ALA B 134 -25.83 -23.01 17.75
N LYS B 135 -26.73 -23.98 17.66
CA LYS B 135 -27.34 -24.52 18.86
C LYS B 135 -26.31 -25.14 19.79
N GLN B 136 -25.38 -25.90 19.22
CA GLN B 136 -24.36 -26.58 20.03
C GLN B 136 -23.45 -25.56 20.71
N ILE B 137 -23.05 -24.54 19.95
CA ILE B 137 -22.27 -23.44 20.52
C ILE B 137 -23.01 -22.74 21.65
N ASP B 138 -24.29 -22.38 21.42
CA ASP B 138 -25.10 -21.71 22.44
C ASP B 138 -25.24 -22.56 23.71
N GLU B 139 -25.31 -23.88 23.55
CA GLU B 139 -25.32 -24.79 24.68
C GLU B 139 -23.94 -24.86 25.35
N GLU B 140 -22.90 -25.13 24.56
CA GLU B 140 -21.55 -25.41 25.09
C GLU B 140 -20.99 -24.33 26.00
N PHE B 141 -21.07 -23.08 25.55
CA PHE B 141 -20.39 -21.99 26.23
C PHE B 141 -21.34 -21.22 27.14
N GLY B 142 -22.45 -21.87 27.51
CA GLY B 142 -23.34 -21.34 28.53
C GLY B 142 -23.86 -19.96 28.22
N GLY B 143 -24.06 -19.70 26.93
CA GLY B 143 -24.59 -18.42 26.48
C GLY B 143 -23.58 -17.30 26.48
N GLU B 144 -22.30 -17.63 26.68
CA GLU B 144 -21.24 -16.62 26.73
C GLU B 144 -20.61 -16.42 25.34
N VAL B 145 -20.97 -17.31 24.41
CA VAL B 145 -20.65 -17.16 22.99
C VAL B 145 -21.95 -17.35 22.22
N ARG B 146 -22.23 -16.47 21.24
CA ARG B 146 -23.39 -16.66 20.39
C ARG B 146 -23.03 -17.56 19.23
N GLY B 147 -23.87 -18.55 18.94
CA GLY B 147 -23.61 -19.42 17.84
C GLY B 147 -23.73 -18.69 16.51
N PHE B 148 -24.71 -17.79 16.43
CA PHE B 148 -25.02 -17.12 15.16
C PHE B 148 -25.68 -15.78 15.43
N ILE B 149 -25.25 -14.74 14.69
CA ILE B 149 -25.89 -13.42 14.77
C ILE B 149 -25.90 -12.76 13.39
N THR B 150 -27.02 -12.17 13.03
CA THR B 150 -27.01 -11.11 12.02
C THR B 150 -28.07 -10.08 12.41
N SER B 151 -28.26 -9.07 11.57
CA SER B 151 -29.23 -8.03 11.86
C SER B 151 -30.63 -8.52 11.45
N ALA B 152 -31.31 -9.14 12.40
CA ALA B 152 -32.49 -9.97 12.14
C ALA B 152 -33.67 -9.27 11.46
N ALA B 153 -33.82 -7.97 11.71
CA ALA B 153 -35.00 -7.23 11.25
C ALA B 153 -34.66 -6.22 10.18
N GLU B 154 -33.50 -6.37 9.53
CA GLU B 154 -33.07 -5.46 8.49
C GLU B 154 -33.05 -6.16 7.16
N PHE B 155 -33.84 -5.65 6.23
CA PHE B 155 -33.98 -6.23 4.91
C PHE B 155 -32.65 -6.48 4.22
N TYR B 156 -31.72 -5.52 4.29
CA TYR B 156 -30.45 -5.70 3.60
C TYR B 156 -29.75 -7.03 4.00
N TYR B 157 -29.84 -7.39 5.27
CA TYR B 157 -29.20 -8.60 5.82
C TYR B 157 -29.97 -9.91 5.58
N ILE B 158 -31.27 -9.79 5.34
CA ILE B 158 -32.15 -10.95 5.15
C ILE B 158 -32.40 -11.23 3.65
N ALA B 159 -32.13 -10.24 2.83
CA ALA B 159 -32.22 -10.34 1.37
C ALA B 159 -31.61 -11.61 0.77
N PRO B 160 -30.45 -12.08 1.30
CA PRO B 160 -29.94 -13.31 0.71
C PRO B 160 -30.90 -14.50 0.75
N PHE B 161 -31.74 -14.56 1.79
CA PHE B 161 -32.75 -15.62 1.89
C PHE B 161 -33.89 -15.37 0.91
N ILE B 162 -34.38 -14.14 0.91
CA ILE B 162 -35.45 -13.72 0.02
C ILE B 162 -35.10 -13.98 -1.44
N PHE B 163 -33.91 -13.55 -1.86
CA PHE B 163 -33.51 -13.68 -3.27
C PHE B 163 -33.13 -15.09 -3.63
N GLY B 164 -32.54 -15.82 -2.68
CA GLY B 164 -32.18 -17.21 -2.90
C GLY B 164 -33.39 -18.00 -3.38
N TYR B 165 -34.56 -17.72 -2.79
CA TYR B 165 -35.78 -18.50 -3.10
C TYR B 165 -36.58 -17.97 -4.29
N GLY B 166 -36.13 -16.85 -4.87
CA GLY B 166 -36.80 -16.29 -6.05
C GLY B 166 -37.53 -14.97 -5.85
N GLY B 167 -37.46 -14.42 -4.63
CA GLY B 167 -37.86 -13.04 -4.41
C GLY B 167 -37.00 -12.09 -5.25
N TYR B 168 -37.53 -10.90 -5.50
CA TYR B 168 -36.84 -9.83 -6.24
C TYR B 168 -37.45 -8.48 -5.92
N VAL B 169 -36.69 -7.41 -6.13
CA VAL B 169 -37.16 -6.09 -5.78
C VAL B 169 -38.01 -5.58 -6.93
N PHE B 170 -37.38 -5.33 -8.07
CA PHE B 170 -38.05 -4.87 -9.29
C PHE B 170 -37.67 -5.84 -10.39
N LYS B 171 -38.64 -6.22 -11.22
CA LYS B 171 -38.41 -7.18 -12.30
C LYS B 171 -37.44 -6.65 -13.37
N GLN B 172 -36.42 -7.42 -13.71
CA GLN B 172 -35.52 -7.09 -14.82
C GLN B 172 -36.19 -7.37 -16.15
N THR B 173 -36.10 -6.40 -17.06
CA THR B 173 -36.64 -6.53 -18.41
C THR B 173 -35.62 -6.01 -19.41
N GLU B 174 -35.87 -6.23 -20.69
CA GLU B 174 -34.97 -5.75 -21.74
C GLU B 174 -34.74 -4.23 -21.68
N LYS B 175 -35.78 -3.47 -21.33
CA LYS B 175 -35.68 -2.00 -21.23
C LYS B 175 -35.42 -1.50 -19.79
N GLY B 176 -35.01 -2.40 -18.90
CA GLY B 176 -34.61 -2.02 -17.53
C GLY B 176 -35.46 -2.61 -16.42
N LEU B 177 -35.32 -2.04 -15.23
CA LEU B 177 -36.09 -2.48 -14.07
C LEU B 177 -37.52 -1.96 -14.18
N ASP B 178 -38.48 -2.85 -13.91
CA ASP B 178 -39.89 -2.48 -13.93
C ASP B 178 -40.35 -2.24 -12.48
N VAL B 179 -40.45 -0.97 -12.08
CA VAL B 179 -40.72 -0.63 -10.69
C VAL B 179 -42.19 -0.87 -10.30
N ASN B 180 -43.02 -1.21 -11.29
CA ASN B 180 -44.40 -1.61 -11.05
C ASN B 180 -44.57 -3.12 -10.89
N ASP B 181 -43.47 -3.86 -10.98
CA ASP B 181 -43.48 -5.31 -10.81
C ASP B 181 -42.53 -5.63 -9.67
N ILE B 182 -43.10 -5.70 -8.47
CA ILE B 182 -42.32 -5.89 -7.25
C ILE B 182 -42.49 -7.30 -6.71
N GLY B 183 -41.38 -7.98 -6.46
CA GLY B 183 -41.36 -9.39 -6.09
C GLY B 183 -41.02 -9.73 -4.64
N LEU B 184 -41.17 -8.76 -3.74
CA LEU B 184 -40.82 -8.93 -2.33
C LEU B 184 -41.91 -9.60 -1.49
N ALA B 185 -43.04 -9.92 -2.10
CA ALA B 185 -44.07 -10.73 -1.44
C ALA B 185 -44.47 -11.95 -2.27
N ASN B 186 -43.62 -12.33 -3.21
CA ASN B 186 -43.90 -13.52 -4.00
C ASN B 186 -43.55 -14.77 -3.18
N GLU B 187 -43.64 -15.95 -3.77
CA GLU B 187 -43.55 -17.18 -2.97
C GLU B 187 -42.13 -17.43 -2.47
N GLY B 188 -41.14 -17.09 -3.29
CA GLY B 188 -39.74 -17.13 -2.89
C GLY B 188 -39.46 -16.18 -1.73
N ALA B 189 -40.01 -14.96 -1.80
CA ALA B 189 -39.82 -13.98 -0.71
C ALA B 189 -40.37 -14.50 0.60
N ILE B 190 -41.59 -15.01 0.54
CA ILE B 190 -42.24 -15.62 1.72
C ILE B 190 -41.41 -16.78 2.29
N LYS B 191 -40.95 -17.66 1.42
CA LYS B 191 -40.12 -18.79 1.83
C LYS B 191 -38.80 -18.28 2.48
N GLY B 192 -38.23 -17.22 1.94
CA GLY B 192 -37.00 -16.67 2.51
C GLY B 192 -37.21 -16.12 3.91
N VAL B 193 -38.30 -15.38 4.10
CA VAL B 193 -38.62 -14.80 5.39
C VAL B 193 -39.11 -15.88 6.40
N LYS B 194 -39.69 -16.98 5.91
CA LYS B 194 -40.01 -18.10 6.80
C LYS B 194 -38.74 -18.74 7.37
N LEU B 195 -37.65 -18.72 6.61
CA LEU B 195 -36.38 -19.21 7.14
C LEU B 195 -35.91 -18.30 8.28
N LEU B 196 -36.03 -16.99 8.09
CA LEU B 196 -35.73 -16.04 9.15
C LEU B 196 -36.55 -16.34 10.40
N LYS B 197 -37.87 -16.49 10.23
CA LYS B 197 -38.76 -16.80 11.35
C LYS B 197 -38.31 -18.08 12.04
N ARG B 198 -37.88 -19.07 11.26
CA ARG B 198 -37.37 -20.34 11.83
C ARG B 198 -36.17 -20.09 12.72
N LEU B 199 -35.23 -19.26 12.28
CA LEU B 199 -34.05 -18.98 13.08
C LEU B 199 -34.44 -18.38 14.43
N VAL B 200 -35.45 -17.51 14.44
CA VAL B 200 -35.91 -16.89 15.67
C VAL B 200 -36.65 -17.91 16.51
N ASP B 201 -37.56 -18.65 15.89
CA ASP B 201 -38.35 -19.67 16.59
C ASP B 201 -37.49 -20.74 17.26
N GLU B 202 -36.46 -21.21 16.56
CA GLU B 202 -35.55 -22.20 17.11
C GLU B 202 -34.50 -21.61 18.03
N GLY B 203 -34.56 -20.30 18.26
CA GLY B 203 -33.74 -19.64 19.27
C GLY B 203 -32.31 -19.34 18.86
N ILE B 204 -32.06 -19.36 17.55
CA ILE B 204 -30.73 -19.11 16.97
C ILE B 204 -30.48 -17.61 16.87
N LEU B 205 -31.50 -16.90 16.39
CA LEU B 205 -31.51 -15.44 16.38
C LEU B 205 -32.46 -14.88 17.42
N ASP B 206 -32.17 -13.66 17.84
CA ASP B 206 -32.99 -12.95 18.79
C ASP B 206 -33.69 -11.79 18.07
N PRO B 207 -34.96 -11.52 18.43
CA PRO B 207 -35.68 -10.36 17.89
C PRO B 207 -34.94 -9.03 18.03
N SER B 208 -34.12 -8.94 19.08
CA SER B 208 -33.34 -7.74 19.37
C SER B 208 -32.00 -7.65 18.63
N ASP B 209 -31.60 -8.69 17.88
CA ASP B 209 -30.28 -8.67 17.24
C ASP B 209 -30.22 -7.55 16.22
N ASN B 210 -29.10 -6.83 16.19
CA ASN B 210 -28.93 -5.72 15.24
C ASN B 210 -27.48 -5.64 14.83
N TYR B 211 -27.13 -4.66 14.01
CA TYR B 211 -25.77 -4.58 13.49
C TYR B 211 -24.72 -4.46 14.61
N GLN B 212 -24.97 -3.53 15.53
CA GLN B 212 -24.03 -3.26 16.61
C GLN B 212 -23.73 -4.50 17.45
N ILE B 213 -24.78 -5.20 17.87
CA ILE B 213 -24.62 -6.42 18.67
C ILE B 213 -23.79 -7.44 17.90
N MET B 214 -24.12 -7.63 16.62
CA MET B 214 -23.43 -8.59 15.78
C MET B 214 -21.95 -8.23 15.66
N ASP B 215 -21.71 -6.98 15.26
CA ASP B 215 -20.36 -6.52 14.91
C ASP B 215 -19.46 -6.56 16.15
N SER B 216 -19.97 -6.06 17.27
CA SER B 216 -19.18 -5.95 18.50
C SER B 216 -18.88 -7.33 19.08
N MET B 217 -19.89 -8.18 19.20
CA MET B 217 -19.67 -9.53 19.73
C MET B 217 -18.68 -10.32 18.87
N PHE B 218 -18.76 -10.20 17.56
CA PHE B 218 -17.80 -10.95 16.75
C PHE B 218 -16.38 -10.41 16.95
N ARG B 219 -16.26 -9.08 16.96
CA ARG B 219 -14.96 -8.43 17.19
C ARG B 219 -14.36 -8.80 18.56
N GLU B 220 -15.23 -9.02 19.54
CA GLU B 220 -14.85 -9.41 20.89
C GLU B 220 -14.61 -10.93 21.09
N GLY B 221 -14.70 -11.72 20.02
CA GLY B 221 -14.49 -13.16 20.14
C GLY B 221 -15.63 -13.90 20.85
N GLN B 222 -16.82 -13.28 20.84
CA GLN B 222 -18.00 -13.78 21.53
C GLN B 222 -19.09 -14.27 20.57
N ALA B 223 -18.75 -14.44 19.29
CA ALA B 223 -19.71 -14.95 18.33
C ALA B 223 -19.01 -15.87 17.34
N ALA B 224 -19.56 -17.07 17.16
CA ALA B 224 -18.98 -18.07 16.28
C ALA B 224 -19.19 -17.77 14.82
N MET B 225 -20.40 -17.33 14.48
CA MET B 225 -20.78 -17.12 13.07
C MET B 225 -21.66 -15.90 12.94
N ILE B 226 -21.44 -15.11 11.89
CA ILE B 226 -22.29 -13.97 11.57
C ILE B 226 -22.46 -13.85 10.05
N ILE B 227 -23.48 -13.10 9.64
CA ILE B 227 -23.62 -12.70 8.25
C ILE B 227 -23.37 -11.20 8.20
N ASN B 228 -22.23 -10.84 7.63
CA ASN B 228 -21.82 -9.43 7.54
C ASN B 228 -20.89 -9.25 6.33
N GLY B 229 -20.57 -8.00 6.01
CA GLY B 229 -19.79 -7.65 4.84
C GLY B 229 -18.32 -7.32 5.09
N PRO B 230 -17.58 -7.09 4.00
CA PRO B 230 -16.12 -6.93 4.08
C PRO B 230 -15.68 -5.63 4.75
N TRP B 231 -16.57 -4.66 4.87
CA TRP B 231 -16.31 -3.42 5.63
C TRP B 231 -15.96 -3.68 7.08
N ALA B 232 -16.31 -4.86 7.58
CA ALA B 232 -16.11 -5.16 9.00
C ALA B 232 -14.82 -5.91 9.30
N ILE B 233 -14.20 -6.54 8.31
CA ILE B 233 -13.15 -7.51 8.58
C ILE B 233 -11.84 -6.92 9.08
N LYS B 234 -11.51 -5.69 8.67
CA LYS B 234 -10.24 -5.10 9.16
C LYS B 234 -10.23 -4.99 10.68
N ALA B 235 -11.34 -4.57 11.28
CA ALA B 235 -11.43 -4.48 12.73
C ALA B 235 -11.25 -5.87 13.38
N TYR B 236 -11.79 -6.90 12.76
CA TYR B 236 -11.72 -8.23 13.34
C TYR B 236 -10.28 -8.72 13.26
N LYS B 237 -9.65 -8.48 12.11
CA LYS B 237 -8.27 -8.89 11.89
C LYS B 237 -7.35 -8.15 12.87
N ASP B 238 -7.54 -6.86 13.00
CA ASP B 238 -6.70 -6.08 13.93
C ASP B 238 -6.90 -6.52 15.37
N ALA B 239 -8.11 -7.00 15.68
CA ALA B 239 -8.44 -7.56 17.00
C ALA B 239 -7.85 -8.95 17.22
N GLY B 240 -7.24 -9.56 16.21
CA GLY B 240 -6.62 -10.86 16.33
C GLY B 240 -7.60 -12.03 16.24
N ILE B 241 -8.77 -11.81 15.66
CA ILE B 241 -9.72 -12.89 15.49
C ILE B 241 -9.25 -13.76 14.33
N ASP B 242 -9.20 -15.07 14.56
CA ASP B 242 -8.88 -16.01 13.51
C ASP B 242 -10.19 -16.37 12.85
N TYR B 243 -10.61 -15.55 11.88
CA TYR B 243 -11.89 -15.72 11.18
C TYR B 243 -11.63 -16.24 9.77
N GLY B 244 -12.69 -16.80 9.20
CA GLY B 244 -12.76 -17.16 7.81
C GLY B 244 -13.97 -16.51 7.17
N VAL B 245 -13.99 -16.55 5.84
CA VAL B 245 -15.11 -16.01 5.06
C VAL B 245 -15.55 -17.04 4.06
N ALA B 246 -16.85 -17.30 4.03
CA ALA B 246 -17.43 -18.28 3.13
C ALA B 246 -18.76 -17.75 2.67
N PRO B 247 -19.26 -18.24 1.53
CA PRO B 247 -20.63 -17.89 1.18
C PRO B 247 -21.59 -18.24 2.31
N ILE B 248 -22.70 -17.52 2.38
CA ILE B 248 -23.77 -17.87 3.27
C ILE B 248 -24.14 -19.30 2.92
N PRO B 249 -24.28 -20.19 3.92
CA PRO B 249 -24.58 -21.59 3.58
C PRO B 249 -25.83 -21.70 2.68
N ASP B 250 -25.84 -22.70 1.79
CA ASP B 250 -27.01 -22.91 0.93
C ASP B 250 -28.30 -23.03 1.76
N LEU B 251 -29.38 -22.46 1.23
CA LEU B 251 -30.62 -22.37 2.01
C LEU B 251 -31.19 -23.76 2.18
N GLU B 252 -31.11 -24.51 1.08
CA GLU B 252 -31.36 -25.95 1.07
C GLU B 252 -30.61 -26.52 -0.13
N PRO B 253 -30.49 -27.86 -0.22
CA PRO B 253 -29.75 -28.44 -1.35
C PRO B 253 -30.10 -27.85 -2.71
N GLY B 254 -29.06 -27.39 -3.42
CA GLY B 254 -29.20 -26.75 -4.72
C GLY B 254 -29.82 -25.37 -4.71
N VAL B 255 -29.85 -24.70 -3.55
CA VAL B 255 -30.47 -23.39 -3.48
C VAL B 255 -29.53 -22.46 -2.74
N PRO B 256 -28.63 -21.79 -3.49
CA PRO B 256 -27.71 -20.87 -2.83
C PRO B 256 -28.40 -19.61 -2.33
N ALA B 257 -27.85 -19.04 -1.26
CA ALA B 257 -28.21 -17.70 -0.86
C ALA B 257 -27.76 -16.73 -1.94
N ARG B 258 -28.49 -15.64 -2.11
CA ARG B 258 -28.19 -14.67 -3.15
C ARG B 258 -28.22 -13.27 -2.54
N PRO B 259 -27.07 -12.83 -1.99
CA PRO B 259 -27.04 -11.54 -1.36
C PRO B 259 -27.12 -10.38 -2.34
N PHE B 260 -27.50 -9.20 -1.84
CA PHE B 260 -27.24 -7.97 -2.58
C PHE B 260 -25.74 -7.83 -2.85
N VAL B 261 -25.39 -7.39 -4.06
CA VAL B 261 -24.06 -6.90 -4.35
C VAL B 261 -24.11 -5.38 -4.22
N GLY B 262 -23.14 -4.83 -3.51
CA GLY B 262 -23.07 -3.38 -3.36
C GLY B 262 -21.79 -2.87 -3.96
N VAL B 263 -21.81 -1.63 -4.42
CA VAL B 263 -20.60 -0.98 -4.91
C VAL B 263 -20.46 0.35 -4.19
N GLN B 264 -19.24 0.60 -3.70
CA GLN B 264 -18.93 1.81 -2.92
C GLN B 264 -18.11 2.69 -3.81
N GLY B 265 -18.37 4.01 -3.75
CA GLY B 265 -17.69 4.91 -4.67
C GLY B 265 -17.79 6.35 -4.24
N PHE B 266 -17.14 7.17 -5.05
CA PHE B 266 -17.01 8.60 -4.84
C PHE B 266 -17.93 9.33 -5.79
N MET B 267 -18.76 10.22 -5.23
CA MET B 267 -19.71 10.99 -6.03
C MET B 267 -19.43 12.46 -5.80
N VAL B 268 -19.60 13.26 -6.84
CA VAL B 268 -19.27 14.68 -6.84
C VAL B 268 -20.58 15.49 -6.71
N ASN B 269 -20.58 16.47 -5.81
CA ASN B 269 -21.70 17.38 -5.61
C ASN B 269 -21.92 18.28 -6.83
N ALA B 270 -23.09 18.17 -7.45
CA ALA B 270 -23.42 18.95 -8.65
C ALA B 270 -23.59 20.43 -8.32
N LYS B 271 -23.84 20.74 -7.05
CA LYS B 271 -24.04 22.11 -6.59
C LYS B 271 -22.72 22.75 -6.13
N SER B 272 -21.63 21.99 -6.20
CA SER B 272 -20.34 22.48 -5.74
C SER B 272 -19.64 23.34 -6.80
N PRO B 273 -19.13 24.49 -6.36
CA PRO B 273 -18.38 25.31 -7.27
C PRO B 273 -17.01 24.70 -7.61
N ASN B 274 -16.61 23.67 -6.84
CA ASN B 274 -15.33 22.99 -7.06
C ASN B 274 -15.50 21.70 -7.81
N LYS B 275 -16.65 21.51 -8.46
CA LYS B 275 -16.94 20.20 -9.01
C LYS B 275 -15.96 19.75 -10.08
N LEU B 276 -15.40 20.68 -10.88
CA LEU B 276 -14.37 20.31 -11.84
C LEU B 276 -13.06 19.82 -11.20
N LEU B 277 -12.63 20.52 -10.16
CA LEU B 277 -11.45 20.11 -9.39
C LEU B 277 -11.71 18.76 -8.68
N ALA B 278 -12.90 18.60 -8.14
CA ALA B 278 -13.30 17.33 -7.47
C ALA B 278 -13.22 16.17 -8.49
N ILE B 279 -13.74 16.38 -9.70
CA ILE B 279 -13.64 15.35 -10.75
C ILE B 279 -12.17 15.03 -11.07
N GLU B 280 -11.35 16.05 -11.27
CA GLU B 280 -9.92 15.85 -11.48
C GLU B 280 -9.26 15.02 -10.35
N PHE B 281 -9.55 15.40 -9.10
CA PHE B 281 -9.04 14.70 -7.91
C PHE B 281 -9.37 13.21 -8.02
N LEU B 282 -10.62 12.92 -8.36
CA LEU B 282 -11.07 11.53 -8.45
C LEU B 282 -10.47 10.76 -9.63
N THR B 283 -10.37 11.40 -10.79
CA THR B 283 -10.01 10.64 -12.00
C THR B 283 -8.50 10.52 -12.18
N SER B 284 -7.76 11.54 -11.76
CA SER B 284 -6.30 11.60 -11.97
C SER B 284 -5.48 11.02 -10.81
N PHE B 285 -6.11 10.89 -9.65
CA PHE B 285 -5.41 10.50 -8.42
C PHE B 285 -6.11 9.31 -7.76
N ILE B 286 -7.34 9.52 -7.30
CA ILE B 286 -8.04 8.46 -6.59
C ILE B 286 -8.22 7.22 -7.46
N ALA B 287 -8.51 7.40 -8.75
CA ALA B 287 -8.79 6.28 -9.67
C ALA B 287 -7.58 5.42 -10.06
N LYS B 288 -6.38 5.91 -9.81
CA LYS B 288 -5.15 5.20 -10.17
C LYS B 288 -4.99 3.88 -9.41
N LYS B 289 -4.29 2.94 -10.04
CA LYS B 289 -4.08 1.63 -9.48
C LYS B 289 -3.48 1.72 -8.09
N GLU B 290 -2.38 2.45 -7.96
CA GLU B 290 -1.68 2.50 -6.68
C GLU B 290 -2.63 3.04 -5.58
N THR B 291 -3.40 4.05 -5.94
CA THR B 291 -4.24 4.75 -4.93
C THR B 291 -5.38 3.84 -4.54
N MET B 292 -5.95 3.16 -5.52
CA MET B 292 -7.01 2.20 -5.27
C MET B 292 -6.59 1.05 -4.37
N TYR B 293 -5.35 0.59 -4.55
CA TYR B 293 -4.81 -0.43 -3.67
C TYR B 293 -4.63 0.09 -2.27
N ARG B 294 -4.11 1.31 -2.13
CA ARG B 294 -3.96 1.92 -0.81
C ARG B 294 -5.31 2.10 -0.11
N ILE B 295 -6.34 2.46 -0.87
CA ILE B 295 -7.70 2.51 -0.32
C ILE B 295 -8.19 1.14 0.15
N TYR B 296 -7.98 0.11 -0.66
CA TYR B 296 -8.24 -1.26 -0.26
C TYR B 296 -7.54 -1.60 1.07
N LEU B 297 -6.24 -1.29 1.21
CA LEU B 297 -5.56 -1.61 2.46
C LEU B 297 -6.21 -0.94 3.63
N GLY B 298 -6.70 0.27 3.42
CA GLY B 298 -7.39 1.01 4.47
C GLY B 298 -8.81 0.53 4.72
N ASP B 299 -9.42 -0.07 3.71
CA ASP B 299 -10.82 -0.46 3.76
C ASP B 299 -10.99 -1.62 2.80
N PRO B 300 -10.57 -2.82 3.22
CA PRO B 300 -10.47 -4.01 2.37
C PRO B 300 -11.81 -4.65 2.05
N ARG B 301 -12.30 -4.38 0.85
CA ARG B 301 -13.51 -5.04 0.34
C ARG B 301 -13.08 -5.77 -0.95
N LEU B 302 -13.83 -5.70 -2.03
CA LEU B 302 -13.44 -6.31 -3.32
C LEU B 302 -13.08 -5.19 -4.26
N PRO B 303 -11.78 -5.06 -4.62
CA PRO B 303 -11.40 -3.94 -5.50
C PRO B 303 -12.21 -3.82 -6.76
N SER B 304 -12.55 -2.57 -7.10
CA SER B 304 -13.30 -2.28 -8.31
C SER B 304 -12.42 -2.33 -9.56
N ARG B 305 -11.09 -2.24 -9.37
CA ARG B 305 -10.13 -2.31 -10.48
C ARG B 305 -9.62 -3.74 -10.67
N LYS B 306 -9.54 -4.15 -11.93
CA LYS B 306 -9.15 -5.49 -12.29
C LYS B 306 -7.72 -5.79 -11.86
N ASP B 307 -6.82 -4.82 -12.06
CA ASP B 307 -5.40 -5.02 -11.70
C ASP B 307 -5.20 -5.04 -10.20
N VAL B 308 -6.00 -4.28 -9.46
CA VAL B 308 -5.91 -4.32 -8.00
C VAL B 308 -6.50 -5.64 -7.48
N LEU B 309 -7.60 -6.08 -8.05
CA LEU B 309 -8.16 -7.35 -7.60
C LEU B 309 -7.17 -8.47 -7.85
N GLU B 310 -6.50 -8.44 -9.01
CA GLU B 310 -5.47 -9.44 -9.37
C GLU B 310 -4.36 -9.47 -8.35
N LEU B 311 -3.94 -8.28 -7.91
CA LEU B 311 -2.93 -8.16 -6.88
C LEU B 311 -3.31 -8.85 -5.58
N VAL B 312 -4.59 -8.84 -5.22
CA VAL B 312 -5.02 -9.31 -3.91
C VAL B 312 -5.89 -10.59 -3.95
N LYS B 313 -5.96 -11.22 -5.11
CA LYS B 313 -6.94 -12.27 -5.37
C LYS B 313 -6.70 -13.54 -4.56
N ASP B 314 -5.47 -13.76 -4.12
CA ASP B 314 -5.14 -14.95 -3.33
C ASP B 314 -5.39 -14.78 -1.81
N ASN B 315 -5.82 -13.59 -1.38
CA ASN B 315 -6.24 -13.40 0.02
C ASN B 315 -7.53 -14.20 0.23
N PRO B 316 -7.55 -15.12 1.19
CA PRO B 316 -8.74 -15.96 1.35
C PRO B 316 -10.01 -15.16 1.67
N ASP B 317 -9.86 -13.96 2.23
CA ASP B 317 -11.03 -13.12 2.51
C ASP B 317 -11.62 -12.62 1.20
N VAL B 318 -10.74 -12.22 0.27
CA VAL B 318 -11.15 -11.80 -1.08
C VAL B 318 -11.81 -12.98 -1.79
N VAL B 319 -11.19 -14.15 -1.68
CA VAL B 319 -11.78 -15.36 -2.25
C VAL B 319 -13.21 -15.58 -1.71
N GLY B 320 -13.39 -15.48 -0.39
CA GLY B 320 -14.67 -15.80 0.23
C GLY B 320 -15.77 -14.80 -0.09
N PHE B 321 -15.42 -13.51 -0.11
CA PHE B 321 -16.44 -12.49 -0.45
C PHE B 321 -16.75 -12.53 -1.93
N THR B 322 -15.77 -12.88 -2.75
CA THR B 322 -16.02 -13.01 -4.20
CA THR B 322 -15.98 -13.02 -4.20
C THR B 322 -16.98 -14.15 -4.46
N LEU B 323 -16.82 -15.24 -3.71
CA LEU B 323 -17.69 -16.41 -3.91
C LEU B 323 -19.13 -16.07 -3.51
N SER B 324 -19.29 -15.36 -2.40
CA SER B 324 -20.60 -14.93 -1.97
C SER B 324 -21.24 -14.00 -3.01
N ALA B 325 -20.47 -13.01 -3.44
CA ALA B 325 -20.97 -12.02 -4.40
C ALA B 325 -21.27 -12.63 -5.76
N ALA B 326 -20.56 -13.71 -6.11
CA ALA B 326 -20.78 -14.45 -7.36
C ALA B 326 -22.25 -14.88 -7.51
N ASN B 327 -22.90 -15.18 -6.39
CA ASN B 327 -24.32 -15.61 -6.33
C ASN B 327 -25.29 -14.42 -6.18
N GLY B 328 -24.78 -13.19 -6.25
CA GLY B 328 -25.53 -12.03 -5.78
C GLY B 328 -26.18 -11.17 -6.85
N ILE B 329 -27.04 -10.28 -6.38
CA ILE B 329 -27.84 -9.41 -7.22
C ILE B 329 -27.49 -7.96 -6.88
N PRO B 330 -26.99 -7.17 -7.85
CA PRO B 330 -26.70 -5.76 -7.52
C PRO B 330 -27.93 -5.02 -7.01
N MET B 331 -27.75 -4.18 -5.99
CA MET B 331 -28.84 -3.35 -5.55
C MET B 331 -29.35 -2.51 -6.71
N PRO B 332 -30.67 -2.41 -6.85
CA PRO B 332 -31.13 -1.37 -7.79
C PRO B 332 -30.64 0.03 -7.39
N ASN B 333 -30.42 0.88 -8.40
CA ASN B 333 -29.98 2.25 -8.17
C ASN B 333 -30.99 3.26 -8.64
N VAL B 334 -32.19 2.79 -8.95
CA VAL B 334 -33.25 3.71 -9.42
C VAL B 334 -33.77 4.51 -8.24
N PRO B 335 -34.35 5.69 -8.51
CA PRO B 335 -34.85 6.50 -7.40
C PRO B 335 -35.84 5.76 -6.47
N GLN B 336 -36.61 4.83 -7.04
CA GLN B 336 -37.62 4.06 -6.32
C GLN B 336 -37.06 3.14 -5.23
N MET B 337 -35.75 2.91 -5.24
CA MET B 337 -35.15 2.03 -4.23
C MET B 337 -35.29 2.65 -2.84
N ALA B 338 -35.32 3.97 -2.78
CA ALA B 338 -35.36 4.69 -1.51
C ALA B 338 -36.61 4.35 -0.71
N ALA B 339 -37.67 3.98 -1.44
CA ALA B 339 -38.95 3.61 -0.86
C ALA B 339 -39.02 2.14 -0.43
N VAL B 340 -37.97 1.36 -0.65
CA VAL B 340 -38.04 -0.08 -0.39
C VAL B 340 -37.62 -0.44 1.04
N TRP B 341 -36.55 0.18 1.53
CA TRP B 341 -35.89 -0.24 2.75
C TRP B 341 -36.77 -0.21 4.00
N ALA B 342 -37.39 0.93 4.31
CA ALA B 342 -38.09 1.07 5.59
C ALA B 342 -39.32 0.16 5.66
N ALA B 343 -40.05 0.06 4.56
CA ALA B 343 -41.22 -0.84 4.47
C ALA B 343 -40.82 -2.28 4.72
N MET B 344 -39.67 -2.69 4.17
CA MET B 344 -39.23 -4.08 4.32
C MET B 344 -38.66 -4.35 5.71
N ASN B 345 -37.92 -3.38 6.26
CA ASN B 345 -37.47 -3.46 7.64
C ASN B 345 -38.64 -3.62 8.61
N ASP B 346 -39.69 -2.83 8.40
CA ASP B 346 -40.88 -2.88 9.22
C ASP B 346 -41.56 -4.23 9.19
N ALA B 347 -41.71 -4.79 7.99
CA ALA B 347 -42.27 -6.13 7.83
C ALA B 347 -41.47 -7.17 8.60
N LEU B 348 -40.14 -7.14 8.47
CA LEU B 348 -39.32 -8.13 9.14
C LEU B 348 -39.38 -7.95 10.66
N ASN B 349 -39.51 -6.71 11.12
CA ASN B 349 -39.65 -6.47 12.56
C ASN B 349 -40.92 -7.10 13.13
N LEU B 350 -42.03 -6.95 12.40
CA LEU B 350 -43.26 -7.61 12.79
C LEU B 350 -43.05 -9.13 12.84
N VAL B 351 -42.42 -9.70 11.83
CA VAL B 351 -42.22 -11.16 11.78
C VAL B 351 -41.36 -11.68 12.93
N VAL B 352 -40.19 -11.09 13.16
CA VAL B 352 -39.29 -11.59 14.21
C VAL B 352 -39.89 -11.44 15.61
N ASN B 353 -40.79 -10.47 15.78
CA ASN B 353 -41.53 -10.30 17.03
C ASN B 353 -42.89 -11.01 17.05
N GLY B 354 -43.17 -11.80 16.02
CA GLY B 354 -44.37 -12.64 15.93
C GLY B 354 -45.66 -11.85 15.96
N LYS B 355 -45.63 -10.63 15.43
CA LYS B 355 -46.80 -9.74 15.44
C LYS B 355 -47.62 -9.88 14.16
N ALA B 356 -47.09 -10.59 13.18
CA ALA B 356 -47.80 -10.76 11.93
C ALA B 356 -47.27 -11.97 11.20
N THR B 357 -48.13 -12.59 10.42
CA THR B 357 -47.75 -13.67 9.53
CA THR B 357 -47.69 -13.69 9.57
C THR B 357 -46.77 -13.14 8.48
N VAL B 358 -45.92 -14.02 7.97
CA VAL B 358 -44.95 -13.64 6.95
C VAL B 358 -45.69 -13.12 5.73
N GLU B 359 -46.65 -13.90 5.24
CA GLU B 359 -47.41 -13.49 4.08
C GLU B 359 -48.03 -12.12 4.28
N GLU B 360 -48.68 -11.91 5.44
CA GLU B 360 -49.40 -10.65 5.66
C GLU B 360 -48.41 -9.48 5.74
N ALA B 361 -47.31 -9.70 6.45
CA ALA B 361 -46.29 -8.67 6.60
C ALA B 361 -45.71 -8.25 5.25
N LEU B 362 -45.34 -9.22 4.40
CA LEU B 362 -44.75 -8.89 3.10
C LEU B 362 -45.74 -8.25 2.10
N LYS B 363 -46.99 -8.69 2.15
CA LYS B 363 -48.04 -8.07 1.31
C LYS B 363 -48.25 -6.61 1.64
N ASN B 364 -48.34 -6.33 2.93
CA ASN B 364 -48.50 -4.96 3.39
C ASN B 364 -47.30 -4.10 3.01
N ALA B 365 -46.09 -4.60 3.21
CA ALA B 365 -44.90 -3.88 2.79
C ALA B 365 -44.92 -3.53 1.30
N VAL B 366 -45.25 -4.50 0.44
CA VAL B 366 -45.28 -4.24 -0.99
C VAL B 366 -46.34 -3.21 -1.32
N GLU B 367 -47.48 -3.27 -0.64
CA GLU B 367 -48.51 -2.25 -0.86
C GLU B 367 -47.99 -0.87 -0.45
N ARG B 368 -47.32 -0.78 0.69
CA ARG B 368 -46.73 0.49 1.16
C ARG B 368 -45.67 1.04 0.20
N ILE B 369 -44.86 0.16 -0.40
CA ILE B 369 -43.84 0.56 -1.36
C ILE B 369 -44.51 1.10 -2.62
N LYS B 370 -45.44 0.31 -3.18
CA LYS B 370 -46.12 0.69 -4.41
C LYS B 370 -46.81 2.03 -4.25
N ALA B 371 -47.41 2.26 -3.09
CA ALA B 371 -48.13 3.50 -2.83
C ALA B 371 -47.18 4.70 -2.87
N GLN B 372 -46.00 4.54 -2.28
CA GLN B 372 -44.99 5.59 -2.26
C GLN B 372 -44.41 5.84 -3.66
N ILE B 373 -44.16 4.76 -4.40
CA ILE B 373 -43.69 4.86 -5.78
C ILE B 373 -44.78 5.50 -6.64
#